data_2L92
#
_entry.id   2L92
#
_entity_poly.entity_id   1
_entity_poly.type   'polypeptide(L)'
_entity_poly.pdbx_seq_one_letter_code
;MSTVPKYRDPATGKTWSGRGRQPAWLGNDPAAFLIQPDLPAILEHHHHHH
;
_entity_poly.pdbx_strand_id   A
#
# COMPACT_ATOMS: atom_id res chain seq x y z
N MET A 1 10.37 16.07 -2.32
CA MET A 1 9.80 14.72 -2.02
C MET A 1 10.17 14.30 -0.59
N SER A 2 9.16 13.97 0.25
CA SER A 2 9.34 13.66 1.68
C SER A 2 8.54 12.44 2.18
N THR A 3 7.77 11.78 1.30
CA THR A 3 6.94 10.60 1.58
C THR A 3 7.02 9.55 0.46
N VAL A 4 6.55 8.32 0.72
CA VAL A 4 6.53 7.20 -0.24
C VAL A 4 5.27 6.33 -0.07
N PRO A 5 4.68 5.80 -1.16
CA PRO A 5 3.54 4.87 -1.11
C PRO A 5 3.68 3.71 -0.11
N LYS A 6 2.53 3.23 0.38
CA LYS A 6 2.39 2.11 1.33
C LYS A 6 1.42 1.03 0.85
N TYR A 7 0.39 1.39 0.07
CA TYR A 7 -0.63 0.47 -0.44
C TYR A 7 -0.96 0.77 -1.91
N ARG A 8 -1.38 -0.26 -2.67
CA ARG A 8 -1.84 -0.13 -4.06
C ARG A 8 -2.97 -1.12 -4.39
N ASP A 9 -4.15 -0.59 -4.70
CA ASP A 9 -5.35 -1.33 -5.04
C ASP A 9 -5.18 -2.15 -6.35
N PRO A 10 -5.29 -3.50 -6.34
CA PRO A 10 -5.09 -4.32 -7.53
C PRO A 10 -6.23 -4.21 -8.56
N ALA A 11 -7.43 -3.77 -8.16
CA ALA A 11 -8.59 -3.66 -9.04
C ALA A 11 -8.54 -2.45 -10.01
N THR A 12 -7.90 -1.35 -9.61
CA THR A 12 -7.87 -0.08 -10.36
C THR A 12 -6.47 0.54 -10.51
N GLY A 13 -5.49 0.13 -9.70
CA GLY A 13 -4.12 0.64 -9.71
C GLY A 13 -3.87 1.85 -8.80
N LYS A 14 -4.90 2.37 -8.10
CA LYS A 14 -4.81 3.50 -7.17
C LYS A 14 -3.88 3.23 -5.99
N THR A 15 -3.24 4.28 -5.46
CA THR A 15 -2.22 4.19 -4.39
C THR A 15 -2.57 5.04 -3.17
N TRP A 16 -1.97 4.68 -2.01
CA TRP A 16 -2.03 5.46 -0.77
C TRP A 16 -0.75 5.25 0.06
N SER A 17 -0.49 6.13 1.05
CA SER A 17 0.81 6.20 1.76
C SER A 17 0.76 6.20 3.29
N GLY A 18 -0.38 5.83 3.89
CA GLY A 18 -0.51 5.75 5.36
C GLY A 18 -0.72 7.09 6.07
N ARG A 19 -1.05 8.15 5.32
CA ARG A 19 -1.21 9.55 5.80
C ARG A 19 -2.46 10.22 5.22
N GLY A 20 -2.99 11.22 5.93
CA GLY A 20 -4.27 11.86 5.57
C GLY A 20 -5.49 10.92 5.70
N ARG A 21 -6.63 11.33 5.14
CA ARG A 21 -7.87 10.52 5.08
C ARG A 21 -7.63 9.18 4.36
N GLN A 22 -8.00 8.08 5.02
CA GLN A 22 -7.87 6.71 4.50
C GLN A 22 -8.83 6.46 3.30
N PRO A 23 -8.39 5.81 2.21
CA PRO A 23 -9.27 5.40 1.10
C PRO A 23 -10.39 4.44 1.50
N ALA A 24 -11.46 4.39 0.69
CA ALA A 24 -12.57 3.45 0.88
C ALA A 24 -12.17 1.97 0.67
N TRP A 25 -11.35 1.68 -0.36
CA TRP A 25 -10.83 0.33 -0.66
C TRP A 25 -9.93 -0.25 0.46
N LEU A 26 -9.31 0.63 1.26
CA LEU A 26 -8.50 0.25 2.42
C LEU A 26 -9.33 -0.44 3.53
N GLY A 27 -10.63 -0.11 3.63
CA GLY A 27 -11.53 -0.49 4.73
C GLY A 27 -12.11 -1.91 4.65
N ASN A 28 -11.27 -2.92 4.35
CA ASN A 28 -11.70 -4.33 4.27
C ASN A 28 -10.63 -5.30 4.81
N ASP A 29 -9.43 -5.31 4.23
CA ASP A 29 -8.32 -6.20 4.63
C ASP A 29 -6.95 -5.61 4.23
N PRO A 30 -6.38 -4.67 5.01
CA PRO A 30 -5.15 -3.94 4.69
C PRO A 30 -3.97 -4.77 4.16
N ALA A 31 -3.82 -6.02 4.63
CA ALA A 31 -2.75 -6.93 4.18
C ALA A 31 -2.84 -7.34 2.70
N ALA A 32 -4.03 -7.29 2.08
CA ALA A 32 -4.26 -7.77 0.71
C ALA A 32 -3.57 -6.94 -0.39
N PHE A 33 -3.31 -5.65 -0.13
CA PHE A 33 -2.84 -4.66 -1.11
C PHE A 33 -1.69 -3.77 -0.61
N LEU A 34 -0.99 -4.17 0.46
CA LEU A 34 0.27 -3.54 0.90
C LEU A 34 1.36 -3.64 -0.18
N ILE A 35 2.14 -2.57 -0.34
CA ILE A 35 3.36 -2.55 -1.16
C ILE A 35 4.49 -3.19 -0.33
N GLN A 36 5.28 -4.06 -0.98
CA GLN A 36 6.36 -4.84 -0.37
C GLN A 36 7.66 -4.82 -1.22
N PRO A 37 8.85 -5.01 -0.60
CA PRO A 37 10.15 -5.03 -1.28
C PRO A 37 10.38 -6.34 -2.07
N ASP A 38 9.57 -6.58 -3.11
CA ASP A 38 9.66 -7.72 -4.03
C ASP A 38 11.04 -7.88 -4.72
N LEU A 39 11.77 -6.76 -4.84
CA LEU A 39 13.16 -6.65 -5.26
C LEU A 39 13.95 -5.72 -4.30
N PRO A 40 15.29 -5.86 -4.20
CA PRO A 40 16.13 -5.01 -3.33
C PRO A 40 15.95 -3.51 -3.55
N ALA A 41 16.06 -2.73 -2.47
CA ALA A 41 16.02 -1.25 -2.48
C ALA A 41 17.33 -0.58 -2.94
N ILE A 42 18.06 -1.26 -3.82
CA ILE A 42 19.38 -0.91 -4.37
C ILE A 42 19.46 -1.28 -5.86
N LEU A 43 18.48 -0.76 -6.60
CA LEU A 43 18.16 -1.09 -7.99
C LEU A 43 17.57 0.13 -8.72
N GLU A 44 17.89 0.28 -10.01
CA GLU A 44 17.45 1.36 -10.91
C GLU A 44 17.29 0.89 -12.37
N MET A 1 16.21 13.84 -3.04
CA MET A 1 15.06 13.56 -2.12
C MET A 1 13.88 12.97 -2.92
N SER A 2 13.29 11.88 -2.41
CA SER A 2 12.14 11.18 -3.03
C SER A 2 11.26 10.47 -2.00
N THR A 3 10.07 10.01 -2.42
CA THR A 3 9.11 9.24 -1.59
C THR A 3 8.38 8.17 -2.40
N VAL A 4 7.72 7.22 -1.73
CA VAL A 4 7.01 6.05 -2.30
C VAL A 4 5.68 5.76 -1.59
N PRO A 5 4.70 5.13 -2.27
CA PRO A 5 3.45 4.68 -1.63
C PRO A 5 3.67 3.55 -0.60
N LYS A 6 2.63 3.33 0.20
CA LYS A 6 2.53 2.28 1.23
C LYS A 6 1.49 1.20 0.88
N TYR A 7 0.49 1.54 0.07
CA TYR A 7 -0.63 0.68 -0.31
C TYR A 7 -0.97 0.85 -1.80
N ARG A 8 -1.40 -0.22 -2.46
CA ARG A 8 -1.92 -0.20 -3.84
C ARG A 8 -3.04 -1.22 -4.04
N ASP A 9 -4.21 -0.73 -4.44
CA ASP A 9 -5.38 -1.54 -4.80
C ASP A 9 -5.11 -2.43 -6.03
N PRO A 10 -5.17 -3.77 -5.93
CA PRO A 10 -4.90 -4.66 -7.07
C PRO A 10 -6.02 -4.67 -8.12
N ALA A 11 -7.25 -4.26 -7.77
CA ALA A 11 -8.41 -4.30 -8.67
C ALA A 11 -8.38 -3.21 -9.76
N THR A 12 -7.91 -2.00 -9.43
CA THR A 12 -7.93 -0.82 -10.32
C THR A 12 -6.61 -0.02 -10.35
N GLY A 13 -5.66 -0.30 -9.46
CA GLY A 13 -4.30 0.27 -9.47
C GLY A 13 -4.10 1.52 -8.59
N LYS A 14 -5.14 2.00 -7.89
CA LYS A 14 -5.10 3.17 -6.99
C LYS A 14 -4.05 3.01 -5.88
N THR A 15 -3.43 4.11 -5.45
CA THR A 15 -2.33 4.12 -4.45
C THR A 15 -2.60 5.06 -3.27
N TRP A 16 -1.95 4.78 -2.13
CA TRP A 16 -1.93 5.64 -0.94
C TRP A 16 -0.63 5.44 -0.13
N SER A 17 -0.31 6.33 0.81
CA SER A 17 1.01 6.38 1.48
C SER A 17 1.02 6.53 3.01
N GLY A 18 -0.12 6.33 3.69
CA GLY A 18 -0.16 6.36 5.17
C GLY A 18 -0.37 7.75 5.80
N ARG A 19 -0.75 8.76 5.00
CA ARG A 19 -0.95 10.16 5.43
C ARG A 19 -2.25 10.75 4.86
N GLY A 20 -2.93 11.59 5.63
CA GLY A 20 -4.28 12.08 5.29
C GLY A 20 -5.38 11.03 5.53
N ARG A 21 -6.59 11.28 5.02
CA ARG A 21 -7.73 10.34 5.10
C ARG A 21 -7.44 9.03 4.37
N GLN A 22 -7.68 7.89 5.03
CA GLN A 22 -7.52 6.55 4.46
C GLN A 22 -8.53 6.32 3.30
N PRO A 23 -8.13 5.72 2.15
CA PRO A 23 -9.04 5.45 1.03
C PRO A 23 -10.03 4.30 1.34
N ALA A 24 -11.18 4.31 0.65
CA ALA A 24 -12.29 3.39 0.90
C ALA A 24 -11.95 1.90 0.66
N TRP A 25 -11.18 1.59 -0.39
CA TRP A 25 -10.79 0.20 -0.74
C TRP A 25 -9.94 -0.49 0.35
N LEU A 26 -9.12 0.28 1.06
CA LEU A 26 -8.23 -0.20 2.11
C LEU A 26 -8.95 -0.59 3.43
N GLY A 27 -10.17 -0.08 3.64
CA GLY A 27 -10.91 -0.18 4.91
C GLY A 27 -11.59 -1.53 5.21
N ASN A 28 -10.87 -2.65 5.02
CA ASN A 28 -11.37 -4.00 5.31
C ASN A 28 -10.29 -4.98 5.81
N ASP A 29 -9.19 -5.15 5.07
CA ASP A 29 -8.11 -6.10 5.39
C ASP A 29 -6.76 -5.68 4.75
N PRO A 30 -6.02 -4.70 5.34
CA PRO A 30 -4.83 -4.07 4.77
C PRO A 30 -3.82 -4.97 4.08
N ALA A 31 -3.60 -6.20 4.56
CA ALA A 31 -2.66 -7.16 3.97
C ALA A 31 -2.94 -7.51 2.49
N ALA A 32 -4.19 -7.35 2.02
CA ALA A 32 -4.57 -7.58 0.63
C ALA A 32 -4.01 -6.54 -0.38
N PHE A 33 -3.62 -5.35 0.10
CA PHE A 33 -3.19 -4.21 -0.73
C PHE A 33 -1.96 -3.44 -0.19
N LEU A 34 -1.49 -3.75 1.02
CA LEU A 34 -0.21 -3.26 1.55
C LEU A 34 0.95 -3.65 0.61
N ILE A 35 1.78 -2.69 0.22
CA ILE A 35 2.97 -2.95 -0.60
C ILE A 35 4.02 -3.69 0.25
N GLN A 36 4.51 -4.82 -0.27
CA GLN A 36 5.36 -5.79 0.44
C GLN A 36 6.50 -6.27 -0.48
N PRO A 37 7.68 -6.66 0.09
CA PRO A 37 8.86 -7.02 -0.70
C PRO A 37 8.81 -8.43 -1.32
N ASP A 38 7.84 -9.25 -0.92
CA ASP A 38 7.71 -10.70 -1.24
C ASP A 38 9.00 -11.52 -1.08
N LEU A 39 9.87 -11.11 -0.14
CA LEU A 39 11.19 -11.67 0.16
C LEU A 39 11.46 -11.66 1.69
N PRO A 40 12.42 -12.47 2.18
CA PRO A 40 12.93 -12.40 3.56
C PRO A 40 13.38 -11.00 4.00
N ALA A 41 13.40 -10.77 5.32
CA ALA A 41 13.80 -9.52 5.97
C ALA A 41 15.33 -9.24 5.97
N ILE A 42 16.00 -9.64 4.89
CA ILE A 42 17.45 -9.54 4.62
C ILE A 42 17.59 -9.05 3.18
N LEU A 43 17.38 -7.73 3.00
CA LEU A 43 17.25 -7.07 1.70
C LEU A 43 17.97 -5.70 1.60
N GLU A 44 18.70 -5.31 2.67
CA GLU A 44 19.44 -4.03 2.81
C GLU A 44 20.80 -4.20 3.49
N MET A 1 11.99 12.46 -4.14
CA MET A 1 10.66 12.79 -3.52
C MET A 1 10.73 12.70 -1.99
N SER A 2 10.06 13.62 -1.28
CA SER A 2 10.02 13.68 0.20
C SER A 2 9.19 12.57 0.86
N THR A 3 8.27 11.93 0.11
CA THR A 3 7.38 10.85 0.57
C THR A 3 7.29 9.70 -0.45
N VAL A 4 6.78 8.54 -0.03
CA VAL A 4 6.63 7.31 -0.84
C VAL A 4 5.30 6.60 -0.53
N PRO A 5 4.73 5.81 -1.46
CA PRO A 5 3.51 5.03 -1.21
C PRO A 5 3.74 3.88 -0.21
N LYS A 6 2.61 3.36 0.30
CA LYS A 6 2.50 2.28 1.30
C LYS A 6 1.52 1.17 0.88
N TYR A 7 0.53 1.49 0.05
CA TYR A 7 -0.52 0.59 -0.40
C TYR A 7 -0.84 0.78 -1.89
N ARG A 8 -1.30 -0.27 -2.58
CA ARG A 8 -1.82 -0.24 -3.95
C ARG A 8 -3.02 -1.20 -4.11
N ASP A 9 -4.17 -0.65 -4.48
CA ASP A 9 -5.40 -1.40 -4.79
C ASP A 9 -5.20 -2.30 -6.04
N PRO A 10 -5.33 -3.64 -5.95
CA PRO A 10 -5.11 -4.52 -7.09
C PRO A 10 -6.21 -4.44 -8.17
N ALA A 11 -7.41 -3.96 -7.83
CA ALA A 11 -8.54 -3.87 -8.75
C ALA A 11 -8.41 -2.74 -9.79
N THR A 12 -7.74 -1.63 -9.45
CA THR A 12 -7.62 -0.42 -10.29
C THR A 12 -6.18 0.12 -10.45
N GLY A 13 -5.25 -0.28 -9.59
CA GLY A 13 -3.85 0.18 -9.59
C GLY A 13 -3.59 1.45 -8.76
N LYS A 14 -4.64 2.07 -8.20
CA LYS A 14 -4.58 3.28 -7.34
C LYS A 14 -3.76 3.03 -6.06
N THR A 15 -3.13 4.09 -5.54
CA THR A 15 -2.18 4.01 -4.41
C THR A 15 -2.55 4.92 -3.23
N TRP A 16 -1.97 4.62 -2.06
CA TRP A 16 -2.02 5.46 -0.85
C TRP A 16 -0.72 5.33 -0.03
N SER A 17 -0.46 6.21 0.93
CA SER A 17 0.84 6.33 1.62
C SER A 17 0.84 6.40 3.15
N GLY A 18 -0.31 6.30 3.82
CA GLY A 18 -0.39 6.39 5.29
C GLY A 18 -0.68 7.79 5.84
N ARG A 19 -1.05 8.76 4.97
CA ARG A 19 -1.29 10.18 5.31
C ARG A 19 -2.57 10.70 4.64
N GLY A 20 -3.29 11.62 5.31
CA GLY A 20 -4.59 12.11 4.87
C GLY A 20 -5.75 11.14 5.16
N ARG A 21 -6.95 11.43 4.63
CA ARG A 21 -8.15 10.60 4.78
C ARG A 21 -7.95 9.18 4.23
N GLN A 22 -8.47 8.18 4.94
CA GLN A 22 -8.36 6.76 4.57
C GLN A 22 -9.12 6.45 3.25
N PRO A 23 -8.50 5.77 2.25
CA PRO A 23 -9.19 5.32 1.04
C PRO A 23 -10.35 4.36 1.33
N ALA A 24 -11.41 4.41 0.51
CA ALA A 24 -12.60 3.54 0.67
C ALA A 24 -12.27 2.04 0.53
N TRP A 25 -11.36 1.68 -0.39
CA TRP A 25 -10.88 0.30 -0.59
C TRP A 25 -10.04 -0.25 0.56
N LEU A 26 -9.49 0.61 1.42
CA LEU A 26 -8.63 0.20 2.55
C LEU A 26 -9.40 -0.51 3.68
N GLY A 27 -10.72 -0.32 3.75
CA GLY A 27 -11.58 -0.74 4.86
C GLY A 27 -12.04 -2.21 4.84
N ASN A 28 -11.12 -3.16 4.63
CA ASN A 28 -11.42 -4.60 4.63
C ASN A 28 -10.29 -5.46 5.22
N ASP A 29 -9.10 -5.47 4.59
CA ASP A 29 -7.95 -6.30 5.00
C ASP A 29 -6.62 -5.72 4.47
N PRO A 30 -5.94 -4.82 5.20
CA PRO A 30 -4.71 -4.14 4.78
C PRO A 30 -3.66 -5.01 4.07
N ALA A 31 -3.46 -6.25 4.50
CA ALA A 31 -2.46 -7.14 3.92
C ALA A 31 -2.73 -7.54 2.44
N ALA A 32 -3.97 -7.42 1.96
CA ALA A 32 -4.33 -7.70 0.56
C ALA A 32 -3.79 -6.66 -0.44
N PHE A 33 -3.48 -5.44 0.01
CA PHE A 33 -3.05 -4.32 -0.83
C PHE A 33 -1.84 -3.51 -0.29
N LEU A 34 -1.31 -3.83 0.90
CA LEU A 34 -0.02 -3.28 1.38
C LEU A 34 1.09 -3.61 0.38
N ILE A 35 1.96 -2.64 0.07
CA ILE A 35 3.17 -2.90 -0.72
C ILE A 35 4.12 -3.80 0.09
N GLN A 36 4.45 -4.96 -0.48
CA GLN A 36 5.18 -6.06 0.17
C GLN A 36 6.11 -6.77 -0.84
N PRO A 37 7.23 -7.38 -0.39
CA PRO A 37 8.19 -8.00 -1.30
C PRO A 37 7.61 -9.26 -1.98
N ASP A 38 7.88 -9.41 -3.28
CA ASP A 38 7.39 -10.51 -4.14
C ASP A 38 7.73 -11.93 -3.62
N LEU A 39 8.82 -12.06 -2.86
CA LEU A 39 9.29 -13.24 -2.15
C LEU A 39 9.84 -12.80 -0.77
N PRO A 40 9.52 -13.50 0.34
CA PRO A 40 9.93 -13.11 1.69
C PRO A 40 11.42 -13.35 1.98
N ALA A 41 12.25 -12.48 1.40
CA ALA A 41 13.73 -12.48 1.47
C ALA A 41 14.29 -11.04 1.51
N ILE A 42 13.61 -10.17 2.26
CA ILE A 42 13.85 -8.72 2.45
C ILE A 42 14.43 -8.01 1.20
N LEU A 43 13.65 -8.08 0.12
CA LEU A 43 14.04 -7.61 -1.22
C LEU A 43 14.18 -6.08 -1.34
N GLU A 44 13.47 -5.31 -0.51
CA GLU A 44 13.44 -3.83 -0.49
C GLU A 44 13.07 -3.24 0.88
N MET A 1 16.47 13.19 -0.94
CA MET A 1 15.24 12.86 -0.16
C MET A 1 14.14 12.31 -1.09
N SER A 2 13.48 11.22 -0.70
CA SER A 2 12.40 10.55 -1.46
C SER A 2 11.37 9.86 -0.54
N THR A 3 10.24 9.43 -1.12
CA THR A 3 9.16 8.69 -0.41
C THR A 3 8.53 7.61 -1.31
N VAL A 4 7.76 6.69 -0.71
CA VAL A 4 7.09 5.55 -1.37
C VAL A 4 5.73 5.24 -0.69
N PRO A 5 4.68 4.87 -1.45
CA PRO A 5 3.39 4.46 -0.90
C PRO A 5 3.46 3.17 -0.07
N LYS A 6 2.43 2.98 0.77
CA LYS A 6 2.19 1.77 1.58
C LYS A 6 1.27 0.76 0.86
N TYR A 7 0.35 1.21 0.02
CA TYR A 7 -0.70 0.35 -0.56
C TYR A 7 -0.94 0.67 -2.05
N ARG A 8 -1.36 -0.35 -2.82
CA ARG A 8 -1.75 -0.25 -4.24
C ARG A 8 -2.92 -1.18 -4.54
N ASP A 9 -4.09 -0.60 -4.83
CA ASP A 9 -5.31 -1.32 -5.20
C ASP A 9 -5.14 -2.11 -6.52
N PRO A 10 -5.27 -3.45 -6.52
CA PRO A 10 -5.03 -4.26 -7.72
C PRO A 10 -6.12 -4.12 -8.80
N ALA A 11 -7.32 -3.66 -8.44
CA ALA A 11 -8.44 -3.50 -9.37
C ALA A 11 -8.36 -2.24 -10.25
N THR A 12 -7.67 -1.18 -9.80
CA THR A 12 -7.62 0.15 -10.46
C THR A 12 -6.23 0.75 -10.58
N GLY A 13 -5.26 0.33 -9.76
CA GLY A 13 -3.91 0.90 -9.69
C GLY A 13 -3.77 2.11 -8.75
N LYS A 14 -4.84 2.55 -8.07
CA LYS A 14 -4.81 3.61 -7.05
C LYS A 14 -3.89 3.27 -5.88
N THR A 15 -3.28 4.27 -5.26
CA THR A 15 -2.27 4.10 -4.18
C THR A 15 -2.53 4.99 -2.95
N TRP A 16 -1.95 4.61 -1.81
CA TRP A 16 -2.01 5.37 -0.56
C TRP A 16 -0.78 5.14 0.32
N SER A 17 -0.50 6.04 1.27
CA SER A 17 0.77 6.09 2.05
C SER A 17 0.62 6.39 3.54
N GLY A 18 -0.56 6.78 4.02
CA GLY A 18 -0.80 7.20 5.41
C GLY A 18 -1.27 8.65 5.54
N ARG A 19 -1.01 9.50 4.54
CA ARG A 19 -1.42 10.92 4.50
C ARG A 19 -2.94 11.07 4.28
N GLY A 20 -3.52 12.15 4.82
CA GLY A 20 -4.96 12.45 4.70
C GLY A 20 -5.90 11.39 5.29
N ARG A 21 -7.20 11.48 4.95
CA ARG A 21 -8.20 10.45 5.29
C ARG A 21 -7.92 9.13 4.55
N GLN A 22 -8.14 8.00 5.23
CA GLN A 22 -7.97 6.66 4.66
C GLN A 22 -8.95 6.39 3.49
N PRO A 23 -8.50 5.84 2.34
CA PRO A 23 -9.38 5.47 1.22
C PRO A 23 -10.48 4.45 1.57
N ALA A 24 -11.56 4.42 0.76
CA ALA A 24 -12.66 3.47 0.92
C ALA A 24 -12.26 2.00 0.64
N TRP A 25 -11.42 1.75 -0.38
CA TRP A 25 -10.91 0.41 -0.71
C TRP A 25 -10.03 -0.19 0.40
N LEU A 26 -9.31 0.66 1.15
CA LEU A 26 -8.47 0.29 2.29
C LEU A 26 -9.25 -0.41 3.42
N GLY A 27 -10.51 -0.02 3.64
CA GLY A 27 -11.37 -0.48 4.74
C GLY A 27 -11.99 -1.88 4.53
N ASN A 28 -11.19 -2.87 4.12
CA ASN A 28 -11.63 -4.25 3.86
C ASN A 28 -10.66 -5.28 4.45
N ASP A 29 -9.42 -5.32 3.96
CA ASP A 29 -8.33 -6.17 4.47
C ASP A 29 -6.96 -5.56 4.08
N PRO A 30 -6.47 -4.54 4.81
CA PRO A 30 -5.30 -3.74 4.44
C PRO A 30 -4.08 -4.50 3.90
N ALA A 31 -3.74 -5.64 4.50
CA ALA A 31 -2.58 -6.46 4.12
C ALA A 31 -2.68 -7.08 2.70
N ALA A 32 -3.88 -7.25 2.15
CA ALA A 32 -4.10 -7.87 0.83
C ALA A 32 -3.54 -7.06 -0.35
N PHE A 33 -3.41 -5.73 -0.19
CA PHE A 33 -2.95 -4.79 -1.21
C PHE A 33 -1.86 -3.82 -0.66
N LEU A 34 -1.27 -4.14 0.50
CA LEU A 34 -0.08 -3.46 1.04
C LEU A 34 1.14 -3.86 0.19
N ILE A 35 1.91 -2.89 -0.30
CA ILE A 35 3.09 -3.10 -1.15
C ILE A 35 4.18 -3.82 -0.34
N GLN A 36 4.59 -5.00 -0.81
CA GLN A 36 5.46 -5.95 -0.10
C GLN A 36 6.50 -6.60 -1.07
N PRO A 37 7.60 -7.22 -0.55
CA PRO A 37 8.65 -7.84 -1.38
C PRO A 37 8.22 -9.00 -2.29
N ASP A 38 7.03 -9.58 -2.06
CA ASP A 38 6.51 -10.82 -2.69
C ASP A 38 7.50 -12.02 -2.62
N LEU A 39 8.41 -12.00 -1.65
CA LEU A 39 9.47 -12.98 -1.40
C LEU A 39 9.66 -13.18 0.13
N PRO A 40 10.25 -14.31 0.59
CA PRO A 40 10.64 -14.52 1.97
C PRO A 40 11.53 -13.40 2.55
N ALA A 41 11.36 -13.12 3.86
CA ALA A 41 12.13 -12.13 4.60
C ALA A 41 12.49 -12.60 6.04
N ILE A 42 12.66 -13.91 6.17
CA ILE A 42 12.95 -14.65 7.41
C ILE A 42 14.11 -15.62 7.12
N LEU A 43 15.31 -15.04 7.03
CA LEU A 43 16.55 -15.69 6.59
C LEU A 43 17.78 -15.06 7.26
N GLU A 44 18.80 -15.87 7.56
CA GLU A 44 20.07 -15.48 8.20
C GLU A 44 21.25 -16.33 7.69
N MET A 1 14.38 14.65 -1.27
CA MET A 1 14.48 13.17 -1.16
C MET A 1 13.23 12.49 -1.74
N SER A 2 13.40 11.45 -2.56
CA SER A 2 12.30 10.68 -3.19
C SER A 2 11.40 9.97 -2.16
N THR A 3 10.16 9.65 -2.58
CA THR A 3 9.13 8.97 -1.76
C THR A 3 8.38 7.89 -2.56
N VAL A 4 7.69 6.98 -1.86
CA VAL A 4 6.95 5.84 -2.43
C VAL A 4 5.61 5.61 -1.71
N PRO A 5 4.61 4.97 -2.36
CA PRO A 5 3.39 4.52 -1.69
C PRO A 5 3.65 3.39 -0.69
N LYS A 6 2.64 3.17 0.17
CA LYS A 6 2.57 2.12 1.20
C LYS A 6 1.49 1.07 0.89
N TYR A 7 0.52 1.41 0.04
CA TYR A 7 -0.60 0.54 -0.34
C TYR A 7 -0.98 0.77 -1.81
N ARG A 8 -1.40 -0.28 -2.53
CA ARG A 8 -1.95 -0.19 -3.90
C ARG A 8 -3.04 -1.24 -4.15
N ASP A 9 -4.24 -0.77 -4.48
CA ASP A 9 -5.39 -1.60 -4.85
C ASP A 9 -5.12 -2.38 -6.16
N PRO A 10 -5.14 -3.73 -6.18
CA PRO A 10 -4.89 -4.50 -7.39
C PRO A 10 -6.06 -4.48 -8.39
N ALA A 11 -7.28 -4.16 -7.94
CA ALA A 11 -8.49 -4.16 -8.78
C ALA A 11 -8.56 -2.97 -9.77
N THR A 12 -8.04 -1.80 -9.38
CA THR A 12 -8.11 -0.54 -10.16
C THR A 12 -6.78 0.20 -10.31
N GLY A 13 -5.76 -0.15 -9.51
CA GLY A 13 -4.41 0.43 -9.56
C GLY A 13 -4.18 1.64 -8.64
N LYS A 14 -5.21 2.10 -7.91
CA LYS A 14 -5.15 3.24 -6.97
C LYS A 14 -4.13 3.04 -5.85
N THR A 15 -3.51 4.13 -5.39
CA THR A 15 -2.38 4.12 -4.42
C THR A 15 -2.62 5.02 -3.21
N TRP A 16 -1.96 4.70 -2.09
CA TRP A 16 -1.92 5.51 -0.86
C TRP A 16 -0.61 5.27 -0.07
N SER A 17 -0.28 6.14 0.88
CA SER A 17 1.05 6.16 1.55
C SER A 17 1.05 6.30 3.08
N GLY A 18 -0.07 6.66 3.71
CA GLY A 18 -0.18 6.92 5.15
C GLY A 18 -0.64 8.35 5.50
N ARG A 19 -0.55 9.29 4.56
CA ARG A 19 -1.02 10.68 4.72
C ARG A 19 -2.55 10.77 4.83
N GLY A 20 -3.05 11.45 5.86
CA GLY A 20 -4.49 11.61 6.11
C GLY A 20 -5.22 10.30 6.45
N ARG A 21 -6.57 10.31 6.39
CA ARG A 21 -7.41 9.11 6.54
C ARG A 21 -7.21 8.15 5.35
N GLN A 22 -7.20 6.85 5.62
CA GLN A 22 -7.11 5.79 4.60
C GLN A 22 -8.25 5.85 3.56
N PRO A 23 -8.02 5.42 2.30
CA PRO A 23 -9.05 5.40 1.25
C PRO A 23 -10.05 4.25 1.45
N ALA A 24 -11.24 4.38 0.83
CA ALA A 24 -12.36 3.45 1.01
C ALA A 24 -12.04 1.98 0.65
N TRP A 25 -11.22 1.75 -0.38
CA TRP A 25 -10.80 0.39 -0.80
C TRP A 25 -9.97 -0.35 0.26
N LEU A 26 -9.25 0.37 1.14
CA LEU A 26 -8.41 -0.23 2.17
C LEU A 26 -9.20 -0.92 3.30
N GLY A 27 -10.48 -0.56 3.47
CA GLY A 27 -11.34 -0.92 4.61
C GLY A 27 -11.39 -2.41 4.98
N ASN A 28 -11.43 -3.29 3.99
CA ASN A 28 -11.61 -4.74 4.18
C ASN A 28 -10.48 -5.40 4.99
N ASP A 29 -9.22 -5.24 4.54
CA ASP A 29 -8.02 -5.89 5.11
C ASP A 29 -6.73 -5.31 4.49
N PRO A 30 -6.03 -4.36 5.14
CA PRO A 30 -4.77 -3.76 4.65
C PRO A 30 -3.75 -4.72 4.03
N ALA A 31 -3.61 -5.95 4.56
CA ALA A 31 -2.68 -6.95 4.04
C ALA A 31 -2.96 -7.39 2.58
N ALA A 32 -4.18 -7.20 2.05
CA ALA A 32 -4.52 -7.51 0.67
C ALA A 32 -3.83 -6.61 -0.38
N PHE A 33 -3.42 -5.40 0.02
CA PHE A 33 -2.90 -4.35 -0.88
C PHE A 33 -1.69 -3.56 -0.31
N LEU A 34 -1.22 -3.89 0.90
CA LEU A 34 0.02 -3.40 1.50
C LEU A 34 1.25 -3.62 0.61
N ILE A 35 2.23 -2.71 0.73
CA ILE A 35 3.55 -2.73 0.08
C ILE A 35 4.63 -2.71 1.16
N GLN A 36 5.60 -3.61 1.06
CA GLN A 36 6.77 -3.72 1.95
C GLN A 36 8.07 -3.93 1.15
N PRO A 37 9.23 -3.44 1.65
CA PRO A 37 10.50 -3.45 0.90
C PRO A 37 11.26 -4.79 0.92
N ASP A 38 10.81 -5.77 1.72
CA ASP A 38 11.49 -7.05 2.01
C ASP A 38 12.99 -6.89 2.39
N LEU A 39 13.30 -5.78 3.10
CA LEU A 39 14.64 -5.36 3.50
C LEU A 39 14.57 -4.66 4.88
N PRO A 40 15.50 -4.89 5.82
CA PRO A 40 15.51 -4.20 7.11
C PRO A 40 15.80 -2.69 6.96
N ALA A 41 15.09 -1.87 7.73
CA ALA A 41 15.13 -0.40 7.66
C ALA A 41 14.76 0.25 9.01
N ILE A 42 14.97 1.57 9.13
CA ILE A 42 14.66 2.39 10.33
C ILE A 42 13.19 2.84 10.31
N LEU A 43 12.33 1.83 10.24
CA LEU A 43 10.87 1.92 10.09
C LEU A 43 10.09 1.12 11.16
N GLU A 44 10.80 0.55 12.15
CA GLU A 44 10.26 -0.27 13.27
C GLU A 44 11.05 -0.05 14.57
N MET A 1 12.78 10.60 -6.04
CA MET A 1 11.40 10.99 -5.63
C MET A 1 11.30 11.12 -4.09
N SER A 2 10.73 12.21 -3.60
CA SER A 2 10.72 12.57 -2.16
C SER A 2 9.83 11.68 -1.26
N THR A 3 8.88 10.94 -1.84
CA THR A 3 7.91 10.07 -1.15
C THR A 3 7.73 8.71 -1.86
N VAL A 4 7.10 7.74 -1.19
CA VAL A 4 6.82 6.40 -1.72
C VAL A 4 5.48 5.84 -1.18
N PRO A 5 4.66 5.15 -2.00
CA PRO A 5 3.42 4.52 -1.54
C PRO A 5 3.65 3.33 -0.58
N LYS A 6 2.58 2.94 0.11
CA LYS A 6 2.50 1.81 1.05
C LYS A 6 1.43 0.78 0.65
N TYR A 7 0.43 1.17 -0.13
CA TYR A 7 -0.66 0.31 -0.61
C TYR A 7 -0.99 0.63 -2.06
N ARG A 8 -1.41 -0.37 -2.85
CA ARG A 8 -1.83 -0.22 -4.26
C ARG A 8 -2.96 -1.18 -4.61
N ASP A 9 -4.16 -0.65 -4.82
CA ASP A 9 -5.36 -1.37 -5.21
C ASP A 9 -5.17 -2.12 -6.55
N PRO A 10 -5.22 -3.46 -6.60
CA PRO A 10 -5.00 -4.21 -7.84
C PRO A 10 -6.15 -4.09 -8.86
N ALA A 11 -7.36 -3.70 -8.42
CA ALA A 11 -8.54 -3.58 -9.27
C ALA A 11 -8.54 -2.31 -10.16
N THR A 12 -7.98 -1.19 -9.68
CA THR A 12 -8.04 0.13 -10.34
C THR A 12 -6.71 0.91 -10.39
N GLY A 13 -5.69 0.50 -9.61
CA GLY A 13 -4.37 1.14 -9.59
C GLY A 13 -4.22 2.30 -8.58
N LYS A 14 -5.26 2.60 -7.80
CA LYS A 14 -5.25 3.62 -6.71
C LYS A 14 -4.21 3.29 -5.63
N THR A 15 -3.66 4.32 -4.99
CA THR A 15 -2.56 4.18 -4.00
C THR A 15 -2.75 5.03 -2.74
N TRP A 16 -2.06 4.65 -1.65
CA TRP A 16 -1.96 5.40 -0.39
C TRP A 16 -0.61 5.12 0.29
N SER A 17 -0.19 5.93 1.27
CA SER A 17 1.19 5.88 1.83
C SER A 17 1.34 5.94 3.35
N GLY A 18 0.29 6.23 4.13
CA GLY A 18 0.35 6.37 5.59
C GLY A 18 -0.06 7.73 6.16
N ARG A 19 -0.43 8.70 5.29
CA ARG A 19 -0.73 10.11 5.66
C ARG A 19 -2.02 10.61 4.97
N GLY A 20 -2.73 11.53 5.63
CA GLY A 20 -4.05 12.01 5.19
C GLY A 20 -5.16 10.95 5.36
N ARG A 21 -6.39 11.30 4.97
CA ARG A 21 -7.56 10.39 5.01
C ARG A 21 -7.33 9.13 4.16
N GLN A 22 -7.48 7.97 4.80
CA GLN A 22 -7.31 6.66 4.17
C GLN A 22 -8.51 6.33 3.23
N PRO A 23 -8.29 5.86 1.99
CA PRO A 23 -9.37 5.63 1.02
C PRO A 23 -10.20 4.36 1.30
N ALA A 24 -11.44 4.34 0.79
CA ALA A 24 -12.46 3.35 1.12
C ALA A 24 -12.11 1.88 0.73
N TRP A 25 -11.42 1.66 -0.39
CA TRP A 25 -10.96 0.32 -0.80
C TRP A 25 -9.98 -0.30 0.20
N LEU A 26 -9.19 0.54 0.88
CA LEU A 26 -8.07 0.15 1.72
C LEU A 26 -8.52 -0.34 3.11
N GLY A 27 -9.47 0.38 3.71
CA GLY A 27 -9.98 0.10 5.07
C GLY A 27 -10.55 -1.30 5.30
N ASN A 28 -11.09 -1.91 4.24
CA ASN A 28 -11.73 -3.23 4.28
C ASN A 28 -10.81 -4.36 4.76
N ASP A 29 -9.58 -4.45 4.23
CA ASP A 29 -8.57 -5.45 4.61
C ASP A 29 -7.16 -4.99 4.18
N PRO A 30 -6.52 -4.06 4.92
CA PRO A 30 -5.28 -3.38 4.51
C PRO A 30 -4.15 -4.28 3.98
N ALA A 31 -3.92 -5.44 4.59
CA ALA A 31 -2.82 -6.34 4.23
C ALA A 31 -2.94 -6.99 2.83
N ALA A 32 -4.14 -7.01 2.22
CA ALA A 32 -4.39 -7.66 0.93
C ALA A 32 -3.62 -7.02 -0.25
N PHE A 33 -3.34 -5.71 -0.17
CA PHE A 33 -2.75 -4.88 -1.23
C PHE A 33 -1.64 -3.93 -0.71
N LEU A 34 -1.07 -4.23 0.46
CA LEU A 34 0.09 -3.55 1.04
C LEU A 34 1.36 -3.91 0.24
N ILE A 35 2.07 -2.90 -0.27
CA ILE A 35 3.28 -3.04 -1.08
C ILE A 35 4.44 -3.54 -0.20
N GLN A 36 5.09 -4.63 -0.60
CA GLN A 36 6.32 -5.18 0.01
C GLN A 36 7.31 -5.62 -1.11
N PRO A 37 8.64 -5.60 -0.87
CA PRO A 37 9.64 -5.78 -1.93
C PRO A 37 9.77 -7.20 -2.50
N ASP A 38 9.43 -8.22 -1.70
CA ASP A 38 9.39 -9.65 -2.06
C ASP A 38 8.74 -10.52 -0.96
N LEU A 39 9.03 -10.19 0.30
CA LEU A 39 8.51 -10.78 1.53
C LEU A 39 8.25 -9.70 2.60
N PRO A 40 7.43 -9.97 3.64
CA PRO A 40 7.16 -9.03 4.72
C PRO A 40 8.43 -8.47 5.39
N ALA A 41 8.43 -7.17 5.70
CA ALA A 41 9.50 -6.46 6.42
C ALA A 41 9.52 -6.74 7.95
N ILE A 42 9.14 -7.96 8.33
CA ILE A 42 9.03 -8.48 9.71
C ILE A 42 9.57 -9.91 9.78
N LEU A 43 10.80 -10.05 9.28
CA LEU A 43 11.49 -11.32 9.03
C LEU A 43 12.97 -11.34 9.48
N GLU A 44 13.44 -10.23 10.08
CA GLU A 44 14.83 -9.95 10.54
C GLU A 44 15.95 -10.49 9.62
N MET A 1 11.70 10.33 -5.86
CA MET A 1 11.33 11.40 -4.88
C MET A 1 11.61 10.98 -3.43
N SER A 2 11.45 11.89 -2.47
CA SER A 2 11.78 11.68 -1.04
C SER A 2 10.87 10.70 -0.26
N THR A 3 9.70 10.35 -0.80
CA THR A 3 8.70 9.46 -0.18
C THR A 3 8.15 8.41 -1.16
N VAL A 4 7.47 7.38 -0.65
CA VAL A 4 6.90 6.24 -1.41
C VAL A 4 5.52 5.83 -0.89
N PRO A 5 4.66 5.21 -1.72
CA PRO A 5 3.39 4.61 -1.28
C PRO A 5 3.61 3.37 -0.38
N LYS A 6 2.52 2.96 0.29
CA LYS A 6 2.43 1.81 1.21
C LYS A 6 1.40 0.78 0.75
N TYR A 7 0.40 1.18 -0.05
CA TYR A 7 -0.66 0.30 -0.55
C TYR A 7 -1.00 0.64 -2.00
N ARG A 8 -1.40 -0.36 -2.80
CA ARG A 8 -1.89 -0.16 -4.17
C ARG A 8 -3.02 -1.15 -4.51
N ASP A 9 -4.20 -0.61 -4.82
CA ASP A 9 -5.39 -1.35 -5.22
C ASP A 9 -5.18 -2.15 -6.52
N PRO A 10 -5.27 -3.49 -6.51
CA PRO A 10 -5.03 -4.30 -7.72
C PRO A 10 -6.15 -4.20 -8.78
N ALA A 11 -7.35 -3.76 -8.39
CA ALA A 11 -8.50 -3.68 -9.30
C ALA A 11 -8.43 -2.50 -10.29
N THR A 12 -7.93 -1.33 -9.84
CA THR A 12 -7.91 -0.07 -10.61
C THR A 12 -6.59 0.72 -10.54
N GLY A 13 -5.66 0.35 -9.66
CA GLY A 13 -4.30 0.93 -9.59
C GLY A 13 -4.12 2.10 -8.60
N LYS A 14 -5.16 2.49 -7.86
CA LYS A 14 -5.14 3.55 -6.84
C LYS A 14 -4.10 3.28 -5.74
N THR A 15 -3.52 4.33 -5.15
CA THR A 15 -2.44 4.23 -4.14
C THR A 15 -2.76 4.98 -2.83
N TRP A 16 -2.13 4.55 -1.73
CA TRP A 16 -2.12 5.23 -0.43
C TRP A 16 -0.78 4.98 0.30
N SER A 17 -0.46 5.76 1.35
CA SER A 17 0.89 5.78 1.98
C SER A 17 0.95 5.76 3.51
N GLY A 18 -0.18 5.62 4.21
CA GLY A 18 -0.21 5.61 5.70
C GLY A 18 -0.51 6.97 6.34
N ARG A 19 -0.80 8.01 5.54
CA ARG A 19 -1.02 9.41 5.98
C ARG A 19 -2.21 10.06 5.25
N GLY A 20 -2.81 11.09 5.87
CA GLY A 20 -3.96 11.82 5.30
C GLY A 20 -5.27 11.01 5.30
N ARG A 21 -6.28 11.52 4.58
CA ARG A 21 -7.59 10.87 4.40
C ARG A 21 -7.47 9.54 3.65
N GLN A 22 -7.55 8.43 4.38
CA GLN A 22 -7.49 7.06 3.84
C GLN A 22 -8.65 6.78 2.85
N PRO A 23 -8.39 6.16 1.69
CA PRO A 23 -9.44 5.87 0.69
C PRO A 23 -10.33 4.67 1.07
N ALA A 24 -11.50 4.55 0.43
CA ALA A 24 -12.52 3.56 0.78
C ALA A 24 -12.08 2.08 0.61
N TRP A 25 -11.30 1.77 -0.44
CA TRP A 25 -10.81 0.41 -0.74
C TRP A 25 -9.90 -0.16 0.36
N LEU A 26 -9.24 0.70 1.14
CA LEU A 26 -8.41 0.32 2.28
C LEU A 26 -9.23 -0.35 3.42
N GLY A 27 -10.51 0.01 3.55
CA GLY A 27 -11.38 -0.37 4.67
C GLY A 27 -11.98 -1.78 4.60
N ASN A 28 -11.17 -2.80 4.31
CA ASN A 28 -11.61 -4.21 4.25
C ASN A 28 -10.55 -5.19 4.80
N ASP A 29 -9.35 -5.23 4.19
CA ASP A 29 -8.25 -6.10 4.62
C ASP A 29 -6.89 -5.51 4.17
N PRO A 30 -6.35 -4.52 4.90
CA PRO A 30 -5.18 -3.73 4.50
C PRO A 30 -3.98 -4.52 3.94
N ALA A 31 -3.66 -5.68 4.53
CA ALA A 31 -2.54 -6.51 4.14
C ALA A 31 -2.66 -7.14 2.72
N ALA A 32 -3.86 -7.26 2.17
CA ALA A 32 -4.12 -7.87 0.86
C ALA A 32 -3.52 -7.08 -0.33
N PHE A 33 -3.38 -5.76 -0.17
CA PHE A 33 -2.90 -4.83 -1.20
C PHE A 33 -1.80 -3.87 -0.69
N LEU A 34 -1.23 -4.14 0.49
CA LEU A 34 -0.03 -3.46 1.01
C LEU A 34 1.16 -3.82 0.11
N ILE A 35 1.95 -2.83 -0.33
CA ILE A 35 3.15 -3.03 -1.14
C ILE A 35 4.21 -3.77 -0.30
N GLN A 36 4.48 -5.03 -0.67
CA GLN A 36 5.29 -5.98 0.10
C GLN A 36 6.20 -6.85 -0.81
N PRO A 37 7.22 -7.54 -0.29
CA PRO A 37 8.20 -8.33 -1.06
C PRO A 37 7.67 -9.39 -2.05
N ASP A 38 6.37 -9.70 -2.01
CA ASP A 38 5.66 -10.52 -2.99
C ASP A 38 5.78 -9.96 -4.43
N LEU A 39 6.03 -8.65 -4.56
CA LEU A 39 6.24 -7.90 -5.78
C LEU A 39 7.58 -7.12 -5.73
N PRO A 40 8.18 -6.72 -6.88
CA PRO A 40 9.48 -6.07 -6.96
C PRO A 40 9.45 -4.58 -6.53
N ALA A 41 9.17 -4.37 -5.25
CA ALA A 41 9.02 -3.09 -4.56
C ALA A 41 10.40 -2.41 -4.27
N ILE A 42 11.23 -2.25 -5.31
CA ILE A 42 12.63 -1.78 -5.27
C ILE A 42 13.42 -2.27 -4.04
N LEU A 43 13.45 -3.61 -3.92
CA LEU A 43 13.94 -4.34 -2.74
C LEU A 43 15.48 -4.28 -2.55
N GLU A 44 16.24 -3.94 -3.60
CA GLU A 44 17.71 -3.83 -3.61
C GLU A 44 18.23 -2.74 -4.57
N MET A 1 10.33 16.38 -4.90
CA MET A 1 9.45 15.55 -4.04
C MET A 1 10.07 14.16 -3.82
N SER A 2 9.97 13.61 -2.60
CA SER A 2 10.70 12.39 -2.18
C SER A 2 9.83 11.37 -1.44
N THR A 3 8.49 11.52 -1.45
CA THR A 3 7.54 10.58 -0.85
C THR A 3 7.40 9.26 -1.66
N VAL A 4 6.87 8.22 -1.02
CA VAL A 4 6.62 6.89 -1.63
C VAL A 4 5.36 6.23 -1.04
N PRO A 5 4.52 5.57 -1.85
CA PRO A 5 3.33 4.86 -1.39
C PRO A 5 3.62 3.62 -0.54
N LYS A 6 2.57 3.15 0.14
CA LYS A 6 2.56 1.98 1.04
C LYS A 6 1.59 0.88 0.60
N TYR A 7 0.49 1.26 -0.07
CA TYR A 7 -0.58 0.37 -0.53
C TYR A 7 -0.98 0.70 -1.98
N ARG A 8 -1.39 -0.30 -2.76
CA ARG A 8 -1.88 -0.13 -4.14
C ARG A 8 -2.99 -1.13 -4.48
N ASP A 9 -4.19 -0.62 -4.75
CA ASP A 9 -5.37 -1.38 -5.12
C ASP A 9 -5.17 -2.16 -6.44
N PRO A 10 -5.24 -3.51 -6.46
CA PRO A 10 -5.00 -4.30 -7.67
C PRO A 10 -6.12 -4.18 -8.72
N ALA A 11 -7.34 -3.77 -8.34
CA ALA A 11 -8.49 -3.67 -9.24
C ALA A 11 -8.45 -2.43 -10.15
N THR A 12 -7.87 -1.32 -9.70
CA THR A 12 -7.88 -0.01 -10.38
C THR A 12 -6.52 0.70 -10.48
N GLY A 13 -5.53 0.29 -9.66
CA GLY A 13 -4.18 0.87 -9.64
C GLY A 13 -3.99 2.06 -8.69
N LYS A 14 -5.05 2.49 -7.98
CA LYS A 14 -5.03 3.58 -6.97
C LYS A 14 -4.07 3.28 -5.81
N THR A 15 -3.48 4.31 -5.22
CA THR A 15 -2.43 4.20 -4.18
C THR A 15 -2.75 4.99 -2.90
N TRP A 16 -2.13 4.58 -1.78
CA TRP A 16 -2.13 5.31 -0.51
C TRP A 16 -0.78 5.12 0.21
N SER A 17 -0.45 5.97 1.18
CA SER A 17 0.91 6.05 1.77
C SER A 17 1.00 5.98 3.31
N GLY A 18 -0.06 5.56 4.00
CA GLY A 18 -0.04 5.34 5.47
C GLY A 18 -0.31 6.59 6.32
N ARG A 19 -0.70 7.72 5.70
CA ARG A 19 -0.95 9.02 6.35
C ARG A 19 -2.24 9.68 5.84
N GLY A 20 -2.85 10.53 6.67
CA GLY A 20 -4.15 11.15 6.39
C GLY A 20 -5.32 10.15 6.35
N ARG A 21 -6.51 10.62 5.91
CA ARG A 21 -7.71 9.78 5.71
C ARG A 21 -7.48 8.73 4.61
N GLN A 22 -7.43 7.46 5.01
CA GLN A 22 -7.30 6.33 4.06
C GLN A 22 -8.50 6.23 3.09
N PRO A 23 -8.29 5.74 1.85
CA PRO A 23 -9.35 5.61 0.84
C PRO A 23 -10.31 4.43 1.15
N ALA A 24 -11.47 4.41 0.48
CA ALA A 24 -12.54 3.44 0.74
C ALA A 24 -12.12 1.96 0.56
N TRP A 25 -11.28 1.65 -0.44
CA TRP A 25 -10.75 0.30 -0.68
C TRP A 25 -9.82 -0.21 0.44
N LEU A 26 -9.20 0.70 1.21
CA LEU A 26 -8.33 0.36 2.35
C LEU A 26 -9.11 -0.23 3.52
N GLY A 27 -10.35 0.21 3.73
CA GLY A 27 -11.20 -0.10 4.90
C GLY A 27 -11.87 -1.48 4.88
N ASN A 28 -11.12 -2.54 4.54
CA ASN A 28 -11.62 -3.92 4.52
C ASN A 28 -10.58 -4.95 5.01
N ASP A 29 -9.39 -5.00 4.37
CA ASP A 29 -8.31 -5.93 4.73
C ASP A 29 -6.93 -5.40 4.30
N PRO A 30 -6.33 -4.46 5.07
CA PRO A 30 -5.10 -3.75 4.72
C PRO A 30 -3.94 -4.58 4.17
N ALA A 31 -3.77 -5.83 4.65
CA ALA A 31 -2.72 -6.74 4.20
C ALA A 31 -2.83 -7.19 2.73
N ALA A 32 -4.03 -7.17 2.14
CA ALA A 32 -4.31 -7.73 0.81
C ALA A 32 -3.63 -6.98 -0.36
N PHE A 33 -3.31 -5.69 -0.18
CA PHE A 33 -2.85 -4.77 -1.23
C PHE A 33 -1.66 -3.88 -0.79
N LEU A 34 -0.93 -4.29 0.26
CA LEU A 34 0.35 -3.66 0.63
C LEU A 34 1.38 -3.80 -0.51
N ILE A 35 2.18 -2.75 -0.73
CA ILE A 35 3.31 -2.77 -1.67
C ILE A 35 4.49 -3.50 -1.02
N GLN A 36 4.95 -4.59 -1.66
CA GLN A 36 6.04 -5.46 -1.18
C GLN A 36 6.95 -5.92 -2.34
N PRO A 37 8.23 -6.26 -2.10
CA PRO A 37 9.16 -6.78 -3.10
C PRO A 37 8.89 -8.26 -3.46
N ASP A 38 7.73 -8.52 -4.07
CA ASP A 38 7.28 -9.86 -4.52
C ASP A 38 8.26 -10.57 -5.48
N LEU A 39 9.09 -9.79 -6.18
CA LEU A 39 10.23 -10.19 -6.99
C LEU A 39 11.43 -9.25 -6.71
N PRO A 40 12.68 -9.69 -6.95
CA PRO A 40 13.89 -8.89 -6.76
C PRO A 40 13.84 -7.50 -7.45
N ALA A 41 14.42 -6.49 -6.79
CA ALA A 41 14.53 -5.11 -7.27
C ALA A 41 15.83 -4.43 -6.77
N ILE A 42 16.23 -3.35 -7.45
CA ILE A 42 17.44 -2.52 -7.22
C ILE A 42 18.65 -3.30 -6.64
N LEU A 43 19.11 -4.26 -7.46
CA LEU A 43 20.19 -5.21 -7.13
C LEU A 43 21.05 -5.60 -8.36
N GLU A 44 20.40 -5.89 -9.50
CA GLU A 44 21.03 -6.29 -10.76
C GLU A 44 20.19 -5.92 -12.00
N MET A 1 10.26 12.50 -6.14
CA MET A 1 11.05 13.51 -5.39
C MET A 1 11.57 12.95 -4.06
N SER A 2 10.75 12.92 -2.99
CA SER A 2 11.19 12.60 -1.61
C SER A 2 10.26 11.66 -0.83
N THR A 3 9.22 11.11 -1.47
CA THR A 3 8.20 10.22 -0.85
C THR A 3 7.83 9.05 -1.76
N VAL A 4 7.21 8.00 -1.18
CA VAL A 4 6.80 6.75 -1.87
C VAL A 4 5.44 6.26 -1.37
N PRO A 5 4.67 5.47 -2.16
CA PRO A 5 3.47 4.80 -1.69
C PRO A 5 3.77 3.67 -0.70
N LYS A 6 2.71 3.23 -0.01
CA LYS A 6 2.69 2.13 0.98
C LYS A 6 1.62 1.07 0.69
N TYR A 7 0.57 1.45 -0.04
CA TYR A 7 -0.58 0.60 -0.37
C TYR A 7 -1.00 0.82 -1.82
N ARG A 8 -1.46 -0.23 -2.51
CA ARG A 8 -2.00 -0.16 -3.88
C ARG A 8 -3.13 -1.16 -4.09
N ASP A 9 -4.29 -0.66 -4.47
CA ASP A 9 -5.49 -1.45 -4.80
C ASP A 9 -5.25 -2.32 -6.05
N PRO A 10 -5.31 -3.67 -5.97
CA PRO A 10 -5.08 -4.53 -7.13
C PRO A 10 -6.23 -4.51 -8.17
N ALA A 11 -7.45 -4.08 -7.77
CA ALA A 11 -8.62 -4.07 -8.65
C ALA A 11 -8.62 -2.93 -9.68
N THR A 12 -8.08 -1.75 -9.32
CA THR A 12 -8.11 -0.53 -10.15
C THR A 12 -6.75 0.19 -10.29
N GLY A 13 -5.77 -0.14 -9.44
CA GLY A 13 -4.40 0.41 -9.49
C GLY A 13 -4.17 1.65 -8.61
N LYS A 14 -5.19 2.15 -7.90
CA LYS A 14 -5.11 3.32 -6.99
C LYS A 14 -4.09 3.12 -5.87
N THR A 15 -3.48 4.21 -5.40
CA THR A 15 -2.34 4.19 -4.44
C THR A 15 -2.57 5.11 -3.22
N TRP A 16 -1.93 4.76 -2.10
CA TRP A 16 -1.89 5.55 -0.85
C TRP A 16 -0.56 5.32 -0.11
N SER A 17 -0.21 6.13 0.89
CA SER A 17 1.12 6.17 1.52
C SER A 17 1.18 6.19 3.05
N GLY A 18 0.04 6.05 3.76
CA GLY A 18 0.02 6.04 5.23
C GLY A 18 -0.12 7.41 5.88
N ARG A 19 -0.59 8.43 5.13
CA ARG A 19 -0.76 9.82 5.56
C ARG A 19 -2.20 10.30 5.32
N GLY A 20 -2.73 11.07 6.27
CA GLY A 20 -4.16 11.43 6.31
C GLY A 20 -5.08 10.22 6.57
N ARG A 21 -6.40 10.41 6.41
CA ARG A 21 -7.40 9.32 6.49
C ARG A 21 -7.19 8.29 5.36
N GLN A 22 -7.32 7.00 5.67
CA GLN A 22 -7.23 5.90 4.69
C GLN A 22 -8.27 6.02 3.55
N PRO A 23 -8.00 5.47 2.34
CA PRO A 23 -8.98 5.35 1.29
C PRO A 23 -10.00 4.23 1.59
N ALA A 24 -11.15 4.26 0.91
CA ALA A 24 -12.24 3.29 1.10
C ALA A 24 -11.86 1.85 0.68
N TRP A 25 -11.09 1.68 -0.40
CA TRP A 25 -10.66 0.37 -0.90
C TRP A 25 -9.77 -0.41 0.09
N LEU A 26 -9.13 0.27 1.05
CA LEU A 26 -8.32 -0.36 2.09
C LEU A 26 -9.16 -1.17 3.11
N GLY A 27 -10.49 -0.98 3.16
CA GLY A 27 -11.39 -1.66 4.08
C GLY A 27 -10.94 -1.58 5.54
N ASN A 28 -10.87 -2.74 6.23
CA ASN A 28 -10.42 -2.87 7.62
C ASN A 28 -9.29 -3.91 7.80
N ASP A 29 -8.65 -4.34 6.71
CA ASP A 29 -7.56 -5.34 6.70
C ASP A 29 -6.54 -5.05 5.58
N PRO A 30 -5.60 -4.09 5.77
CA PRO A 30 -4.63 -3.62 4.76
C PRO A 30 -3.79 -4.69 4.05
N ALA A 31 -3.60 -5.88 4.62
CA ALA A 31 -2.70 -6.92 4.10
C ALA A 31 -2.95 -7.34 2.63
N ALA A 32 -4.19 -7.24 2.14
CA ALA A 32 -4.55 -7.57 0.75
C ALA A 32 -4.02 -6.58 -0.31
N PHE A 33 -3.69 -5.34 0.08
CA PHE A 33 -3.29 -4.23 -0.81
C PHE A 33 -2.01 -3.49 -0.32
N LEU A 34 -1.48 -3.82 0.86
CA LEU A 34 -0.17 -3.37 1.35
C LEU A 34 0.93 -3.74 0.33
N ILE A 35 1.79 -2.79 -0.03
CA ILE A 35 2.97 -3.07 -0.85
C ILE A 35 3.96 -3.90 -0.01
N GLN A 36 4.26 -5.11 -0.47
CA GLN A 36 5.00 -6.15 0.25
C GLN A 36 5.93 -6.94 -0.70
N PRO A 37 7.06 -7.47 -0.22
CA PRO A 37 8.05 -8.14 -1.09
C PRO A 37 7.51 -9.47 -1.65
N ASP A 38 7.73 -9.70 -2.95
CA ASP A 38 7.43 -10.96 -3.62
C ASP A 38 8.25 -12.16 -3.09
N LEU A 39 9.48 -11.88 -2.63
CA LEU A 39 10.42 -12.86 -2.06
C LEU A 39 9.91 -13.46 -0.72
N PRO A 40 10.29 -14.70 -0.38
CA PRO A 40 9.95 -15.32 0.91
C PRO A 40 10.64 -14.64 2.10
N ALA A 41 10.03 -14.77 3.28
CA ALA A 41 10.57 -14.28 4.56
C ALA A 41 11.86 -15.03 4.98
N ILE A 42 12.58 -14.47 5.97
CA ILE A 42 13.79 -15.03 6.59
C ILE A 42 13.47 -16.12 7.63
N LEU A 43 12.66 -17.08 7.17
CA LEU A 43 12.20 -18.26 7.89
C LEU A 43 13.34 -19.29 8.16
N GLU A 44 14.40 -19.25 7.36
CA GLU A 44 15.59 -20.13 7.44
C GLU A 44 16.30 -20.11 8.82
N MET A 1 13.82 11.97 -5.54
CA MET A 1 12.58 11.58 -4.80
C MET A 1 12.92 11.10 -3.38
N SER A 2 12.07 11.42 -2.39
CA SER A 2 12.35 11.23 -0.95
C SER A 2 11.19 10.58 -0.16
N THR A 3 10.18 10.03 -0.85
CA THR A 3 9.03 9.32 -0.26
C THR A 3 8.53 8.17 -1.15
N VAL A 4 7.77 7.23 -0.60
CA VAL A 4 7.25 6.02 -1.26
C VAL A 4 5.80 5.71 -0.82
N PRO A 5 5.00 5.00 -1.65
CA PRO A 5 3.68 4.51 -1.24
C PRO A 5 3.77 3.40 -0.18
N LYS A 6 2.65 3.17 0.50
CA LYS A 6 2.42 2.08 1.46
C LYS A 6 1.41 1.05 0.96
N TYR A 7 0.51 1.43 0.05
CA TYR A 7 -0.60 0.58 -0.39
C TYR A 7 -0.88 0.77 -1.88
N ARG A 8 -1.28 -0.31 -2.57
CA ARG A 8 -1.71 -0.34 -3.98
C ARG A 8 -2.85 -1.33 -4.17
N ASP A 9 -4.05 -0.85 -4.50
CA ASP A 9 -5.27 -1.62 -4.74
C ASP A 9 -5.14 -2.56 -5.98
N PRO A 10 -5.04 -3.89 -5.84
CA PRO A 10 -4.94 -4.81 -6.98
C PRO A 10 -6.10 -4.71 -7.98
N ALA A 11 -7.28 -4.29 -7.52
CA ALA A 11 -8.50 -4.21 -8.32
C ALA A 11 -8.55 -3.01 -9.30
N THR A 12 -7.73 -1.97 -9.08
CA THR A 12 -7.77 -0.72 -9.88
C THR A 12 -6.40 -0.09 -10.19
N GLY A 13 -5.37 -0.38 -9.40
CA GLY A 13 -4.05 0.27 -9.48
C GLY A 13 -3.94 1.58 -8.68
N LYS A 14 -5.01 2.01 -7.97
CA LYS A 14 -4.98 3.14 -7.03
C LYS A 14 -3.96 2.92 -5.91
N THR A 15 -3.36 4.01 -5.39
CA THR A 15 -2.28 3.96 -4.39
C THR A 15 -2.49 4.95 -3.23
N TRP A 16 -1.84 4.67 -2.10
CA TRP A 16 -1.85 5.53 -0.90
C TRP A 16 -0.56 5.35 -0.07
N SER A 17 -0.26 6.28 0.83
CA SER A 17 1.03 6.37 1.54
C SER A 17 0.95 6.77 3.04
N GLY A 18 -0.25 7.01 3.57
CA GLY A 18 -0.47 7.45 4.96
C GLY A 18 -0.92 8.91 5.11
N ARG A 19 -0.69 9.75 4.09
CA ARG A 19 -1.11 11.17 4.05
C ARG A 19 -2.64 11.30 3.93
N GLY A 20 -3.24 12.19 4.72
CA GLY A 20 -4.70 12.41 4.74
C GLY A 20 -5.52 11.22 5.24
N ARG A 21 -6.84 11.25 5.00
CA ARG A 21 -7.78 10.16 5.35
C ARG A 21 -7.48 8.86 4.58
N GLN A 22 -7.76 7.72 5.21
CA GLN A 22 -7.65 6.39 4.59
C GLN A 22 -8.62 6.24 3.39
N PRO A 23 -8.18 5.67 2.24
CA PRO A 23 -9.06 5.27 1.15
C PRO A 23 -10.16 4.27 1.56
N ALA A 24 -11.29 4.29 0.86
CA ALA A 24 -12.41 3.37 1.12
C ALA A 24 -12.10 1.90 0.79
N TRP A 25 -11.35 1.65 -0.30
CA TRP A 25 -10.95 0.30 -0.73
C TRP A 25 -10.09 -0.45 0.32
N LEU A 26 -9.31 0.28 1.12
CA LEU A 26 -8.43 -0.30 2.15
C LEU A 26 -9.18 -0.96 3.33
N GLY A 27 -10.47 -0.66 3.50
CA GLY A 27 -11.28 -1.02 4.68
C GLY A 27 -11.31 -2.49 5.09
N ASN A 28 -11.41 -3.40 4.10
CA ASN A 28 -11.63 -4.83 4.34
C ASN A 28 -10.50 -5.52 5.14
N ASP A 29 -9.25 -5.40 4.67
CA ASP A 29 -8.06 -6.03 5.26
C ASP A 29 -6.77 -5.47 4.62
N PRO A 30 -6.09 -4.47 5.23
CA PRO A 30 -4.90 -3.81 4.68
C PRO A 30 -3.84 -4.72 4.04
N ALA A 31 -3.65 -5.94 4.54
CA ALA A 31 -2.72 -6.92 3.98
C ALA A 31 -2.98 -7.29 2.49
N ALA A 32 -4.22 -7.11 2.00
CA ALA A 32 -4.58 -7.36 0.59
C ALA A 32 -3.95 -6.36 -0.41
N PHE A 33 -3.53 -5.18 0.05
CA PHE A 33 -3.03 -4.07 -0.79
C PHE A 33 -1.73 -3.44 -0.27
N LEU A 34 -1.31 -3.75 0.96
CA LEU A 34 -0.04 -3.31 1.56
C LEU A 34 1.19 -3.65 0.70
N ILE A 35 2.22 -2.80 0.80
CA ILE A 35 3.49 -2.92 0.08
C ILE A 35 4.62 -3.08 1.11
N GLN A 36 5.38 -4.18 1.01
CA GLN A 36 6.52 -4.50 1.86
C GLN A 36 7.69 -5.10 1.04
N PRO A 37 8.96 -5.04 1.51
CA PRO A 37 10.15 -5.55 0.80
C PRO A 37 10.13 -7.02 0.34
N ASP A 38 9.20 -7.83 0.87
CA ASP A 38 8.91 -9.20 0.43
C ASP A 38 8.62 -9.34 -1.08
N LEU A 39 8.18 -8.26 -1.73
CA LEU A 39 8.02 -8.11 -3.18
C LEU A 39 8.44 -6.70 -3.62
N PRO A 40 9.41 -6.55 -4.55
CA PRO A 40 9.87 -5.25 -5.08
C PRO A 40 8.74 -4.30 -5.49
N ALA A 41 8.61 -3.17 -4.79
CA ALA A 41 7.53 -2.18 -4.96
C ALA A 41 7.32 -1.77 -6.43
N ILE A 42 6.23 -2.26 -7.04
CA ILE A 42 5.91 -2.21 -8.49
C ILE A 42 7.13 -2.32 -9.44
N LEU A 43 7.94 -3.34 -9.15
CA LEU A 43 9.18 -3.73 -9.86
C LEU A 43 9.30 -5.26 -10.07
N GLU A 44 8.27 -6.03 -9.72
CA GLU A 44 8.16 -7.49 -9.91
C GLU A 44 6.72 -7.93 -10.29
N MET A 1 17.44 11.97 -1.89
CA MET A 1 16.38 11.33 -1.05
C MET A 1 15.10 11.12 -1.86
N SER A 2 14.36 10.04 -1.57
CA SER A 2 13.09 9.67 -2.24
C SER A 2 12.14 8.90 -1.31
N THR A 3 10.88 8.71 -1.76
CA THR A 3 9.80 8.04 -1.01
C THR A 3 8.96 7.12 -1.91
N VAL A 4 8.14 6.24 -1.30
CA VAL A 4 7.26 5.28 -2.00
C VAL A 4 5.94 5.07 -1.22
N PRO A 5 4.79 4.87 -1.91
CA PRO A 5 3.52 4.45 -1.30
C PRO A 5 3.62 3.20 -0.41
N LYS A 6 2.56 3.00 0.39
CA LYS A 6 2.40 1.87 1.35
C LYS A 6 1.37 0.84 0.86
N TYR A 7 0.43 1.23 0.02
CA TYR A 7 -0.69 0.40 -0.45
C TYR A 7 -0.99 0.68 -1.93
N ARG A 8 -1.43 -0.35 -2.68
CA ARG A 8 -1.94 -0.19 -4.06
C ARG A 8 -3.08 -1.15 -4.39
N ASP A 9 -4.27 -0.60 -4.62
CA ASP A 9 -5.50 -1.31 -4.99
C ASP A 9 -5.31 -2.17 -6.27
N PRO A 10 -5.46 -3.51 -6.22
CA PRO A 10 -5.28 -4.36 -7.39
C PRO A 10 -6.41 -4.24 -8.44
N ALA A 11 -7.60 -3.76 -8.05
CA ALA A 11 -8.77 -3.69 -8.93
C ALA A 11 -8.66 -2.55 -9.97
N THR A 12 -8.11 -1.39 -9.59
CA THR A 12 -8.06 -0.16 -10.43
C THR A 12 -6.71 0.56 -10.42
N GLY A 13 -5.77 0.18 -9.54
CA GLY A 13 -4.39 0.70 -9.53
C GLY A 13 -4.13 1.90 -8.60
N LYS A 14 -5.14 2.37 -7.85
CA LYS A 14 -5.06 3.49 -6.90
C LYS A 14 -4.03 3.23 -5.79
N THR A 15 -3.38 4.28 -5.27
CA THR A 15 -2.31 4.19 -4.26
C THR A 15 -2.59 5.03 -3.01
N TRP A 16 -1.97 4.65 -1.88
CA TRP A 16 -1.95 5.43 -0.63
C TRP A 16 -0.66 5.17 0.16
N SER A 17 -0.33 6.00 1.15
CA SER A 17 1.01 6.00 1.82
C SER A 17 1.01 6.09 3.36
N GLY A 18 -0.14 6.01 4.03
CA GLY A 18 -0.20 6.04 5.50
C GLY A 18 -0.30 7.46 6.09
N ARG A 19 -0.69 8.47 5.30
CA ARG A 19 -0.84 9.89 5.68
C ARG A 19 -2.22 10.42 5.26
N GLY A 20 -2.81 11.32 6.06
CA GLY A 20 -4.20 11.75 5.89
C GLY A 20 -5.21 10.62 6.17
N ARG A 21 -6.48 10.84 5.81
CA ARG A 21 -7.53 9.79 5.87
C ARG A 21 -7.27 8.68 4.86
N GLN A 22 -7.50 7.42 5.26
CA GLN A 22 -7.43 6.25 4.38
C GLN A 22 -8.46 6.31 3.22
N PRO A 23 -8.17 5.67 2.07
CA PRO A 23 -9.15 5.53 0.98
C PRO A 23 -10.20 4.44 1.28
N ALA A 24 -11.35 4.49 0.59
CA ALA A 24 -12.47 3.57 0.82
C ALA A 24 -12.13 2.09 0.58
N TRP A 25 -11.29 1.78 -0.42
CA TRP A 25 -10.85 0.41 -0.73
C TRP A 25 -9.98 -0.24 0.37
N LEU A 26 -9.42 0.55 1.29
CA LEU A 26 -8.63 0.02 2.41
C LEU A 26 -9.49 -0.77 3.44
N GLY A 27 -10.81 -0.53 3.47
CA GLY A 27 -11.76 -1.00 4.49
C GLY A 27 -12.21 -2.46 4.35
N ASN A 28 -11.26 -3.40 4.17
CA ASN A 28 -11.53 -4.84 4.14
C ASN A 28 -10.41 -5.67 4.80
N ASP A 29 -9.17 -5.55 4.31
CA ASP A 29 -7.99 -6.23 4.85
C ASP A 29 -6.71 -5.47 4.44
N PRO A 30 -6.17 -4.57 5.29
CA PRO A 30 -4.99 -3.74 5.01
C PRO A 30 -3.75 -4.48 4.45
N ALA A 31 -3.61 -5.79 4.68
CA ALA A 31 -2.51 -6.59 4.14
C ALA A 31 -2.69 -7.04 2.67
N ALA A 32 -3.93 -7.09 2.16
CA ALA A 32 -4.28 -7.69 0.85
C ALA A 32 -3.69 -6.97 -0.38
N PHE A 33 -3.36 -5.69 -0.23
CA PHE A 33 -2.88 -4.76 -1.26
C PHE A 33 -1.63 -3.98 -0.80
N LEU A 34 -1.02 -4.39 0.31
CA LEU A 34 0.10 -3.72 0.95
C LEU A 34 1.38 -3.89 0.12
N ILE A 35 2.05 -2.79 -0.22
CA ILE A 35 3.37 -2.80 -0.88
C ILE A 35 4.42 -3.32 0.12
N GLN A 36 5.19 -4.30 -0.33
CA GLN A 36 6.15 -5.07 0.48
C GLN A 36 7.39 -5.47 -0.34
N PRO A 37 8.56 -5.65 0.27
CA PRO A 37 9.79 -5.96 -0.46
C PRO A 37 9.75 -7.35 -1.11
N ASP A 38 10.37 -7.44 -2.29
CA ASP A 38 10.45 -8.66 -3.12
C ASP A 38 11.10 -9.89 -2.42
N LEU A 39 11.91 -9.64 -1.39
CA LEU A 39 12.58 -10.63 -0.55
C LEU A 39 12.49 -10.21 0.94
N PRO A 40 12.48 -11.17 1.89
CA PRO A 40 12.38 -10.89 3.33
C PRO A 40 13.63 -10.20 3.89
N ALA A 41 13.45 -9.43 4.97
CA ALA A 41 14.53 -8.80 5.74
C ALA A 41 15.41 -9.81 6.48
N ILE A 42 16.57 -9.37 6.96
CA ILE A 42 17.52 -10.14 7.80
C ILE A 42 17.05 -10.06 9.26
N LEU A 43 15.85 -10.60 9.46
CA LEU A 43 15.03 -10.51 10.68
C LEU A 43 14.41 -11.85 11.12
N GLU A 44 14.50 -12.90 10.27
CA GLU A 44 13.98 -14.26 10.51
C GLU A 44 14.86 -15.35 9.87
N MET A 1 15.31 15.34 -1.31
CA MET A 1 14.59 14.26 -0.57
C MET A 1 13.47 13.63 -1.42
N SER A 2 13.04 12.41 -1.08
CA SER A 2 12.05 11.60 -1.83
C SER A 2 11.11 10.83 -0.89
N THR A 3 9.97 10.36 -1.43
CA THR A 3 8.97 9.53 -0.71
C THR A 3 8.34 8.48 -1.64
N VAL A 4 7.66 7.48 -1.07
CA VAL A 4 7.06 6.32 -1.76
C VAL A 4 5.69 5.95 -1.18
N PRO A 5 4.79 5.31 -1.96
CA PRO A 5 3.51 4.80 -1.45
C PRO A 5 3.68 3.63 -0.47
N LYS A 6 2.58 3.34 0.25
CA LYS A 6 2.47 2.25 1.25
C LYS A 6 1.46 1.17 0.84
N TYR A 7 0.47 1.49 -0.01
CA TYR A 7 -0.62 0.60 -0.41
C TYR A 7 -0.93 0.78 -1.91
N ARG A 8 -1.34 -0.30 -2.57
CA ARG A 8 -1.77 -0.32 -3.99
C ARG A 8 -2.90 -1.33 -4.21
N ASP A 9 -4.08 -0.84 -4.59
CA ASP A 9 -5.26 -1.64 -4.92
C ASP A 9 -5.01 -2.52 -6.18
N PRO A 10 -5.10 -3.86 -6.10
CA PRO A 10 -4.79 -4.74 -7.23
C PRO A 10 -5.83 -4.71 -8.37
N ALA A 11 -7.07 -4.29 -8.09
CA ALA A 11 -8.16 -4.27 -9.07
C ALA A 11 -8.12 -3.04 -10.01
N THR A 12 -7.55 -1.92 -9.56
CA THR A 12 -7.59 -0.62 -10.26
C THR A 12 -6.25 0.11 -10.37
N GLY A 13 -5.24 -0.26 -9.57
CA GLY A 13 -3.93 0.40 -9.52
C GLY A 13 -3.87 1.68 -8.68
N LYS A 14 -4.97 2.07 -8.02
CA LYS A 14 -5.02 3.18 -7.04
C LYS A 14 -4.05 2.96 -5.88
N THR A 15 -3.52 4.03 -5.29
CA THR A 15 -2.49 3.98 -4.23
C THR A 15 -2.79 4.90 -3.04
N TRP A 16 -2.14 4.61 -1.91
CA TRP A 16 -2.13 5.47 -0.71
C TRP A 16 -0.79 5.38 0.03
N SER A 17 -0.47 6.35 0.88
CA SER A 17 0.88 6.52 1.47
C SER A 17 0.93 6.85 2.98
N GLY A 18 -0.15 6.63 3.73
CA GLY A 18 -0.17 6.81 5.18
C GLY A 18 -0.51 8.23 5.67
N ARG A 19 -1.02 9.11 4.79
CA ARG A 19 -1.29 10.53 5.05
C ARG A 19 -2.63 10.99 4.45
N GLY A 20 -3.30 11.94 5.10
CA GLY A 20 -4.61 12.47 4.68
C GLY A 20 -5.77 11.49 4.89
N ARG A 21 -6.95 11.82 4.35
CA ARG A 21 -8.15 10.96 4.37
C ARG A 21 -7.92 9.69 3.55
N GLN A 22 -7.85 8.54 4.22
CA GLN A 22 -7.61 7.22 3.61
C GLN A 22 -8.72 6.85 2.57
N PRO A 23 -8.36 6.46 1.33
CA PRO A 23 -9.30 5.94 0.33
C PRO A 23 -10.17 4.76 0.80
N ALA A 24 -11.39 4.64 0.28
CA ALA A 24 -12.40 3.69 0.77
C ALA A 24 -12.02 2.19 0.63
N TRP A 25 -11.28 1.82 -0.42
CA TRP A 25 -10.88 0.42 -0.67
C TRP A 25 -10.03 -0.20 0.45
N LEU A 26 -9.29 0.62 1.21
CA LEU A 26 -8.47 0.14 2.33
C LEU A 26 -9.29 -0.39 3.52
N GLY A 27 -10.58 -0.06 3.61
CA GLY A 27 -11.49 -0.48 4.69
C GLY A 27 -11.99 -1.92 4.59
N ASN A 28 -11.10 -2.89 4.30
CA ASN A 28 -11.43 -4.30 4.07
C ASN A 28 -10.42 -5.25 4.75
N ASP A 29 -9.20 -5.35 4.23
CA ASP A 29 -8.15 -6.27 4.72
C ASP A 29 -6.75 -5.78 4.29
N PRO A 30 -6.13 -4.82 5.02
CA PRO A 30 -4.88 -4.15 4.64
C PRO A 30 -3.77 -4.99 4.01
N ALA A 31 -3.53 -6.21 4.51
CA ALA A 31 -2.49 -7.08 4.00
C ALA A 31 -2.67 -7.53 2.53
N ALA A 32 -3.89 -7.48 1.99
CA ALA A 32 -4.19 -7.83 0.59
C ALA A 32 -3.64 -6.81 -0.43
N PHE A 33 -3.44 -5.55 -0.02
CA PHE A 33 -3.03 -4.44 -0.89
C PHE A 33 -1.88 -3.58 -0.32
N LEU A 34 -1.36 -3.87 0.88
CA LEU A 34 -0.12 -3.26 1.40
C LEU A 34 1.03 -3.60 0.44
N ILE A 35 1.86 -2.61 0.09
CA ILE A 35 3.08 -2.85 -0.69
C ILE A 35 4.09 -3.60 0.19
N GLN A 36 4.56 -4.75 -0.28
CA GLN A 36 5.36 -5.73 0.48
C GLN A 36 6.53 -6.27 -0.39
N PRO A 37 7.64 -6.72 0.23
CA PRO A 37 8.84 -7.16 -0.49
C PRO A 37 8.76 -8.59 -1.06
N ASP A 38 7.65 -9.31 -0.82
CA ASP A 38 7.47 -10.76 -1.11
C ASP A 38 8.62 -11.67 -0.62
N LEU A 39 9.27 -11.28 0.49
CA LEU A 39 10.42 -11.94 1.13
C LEU A 39 10.30 -11.90 2.66
N PRO A 40 10.96 -12.82 3.40
CA PRO A 40 10.99 -12.81 4.86
C PRO A 40 11.80 -11.62 5.42
N ALA A 41 11.48 -11.24 6.67
CA ALA A 41 12.07 -10.11 7.39
C ALA A 41 12.14 -10.35 8.91
N ILE A 42 12.88 -9.49 9.63
CA ILE A 42 13.10 -9.57 11.08
C ILE A 42 11.95 -8.83 11.80
N LEU A 43 10.75 -9.36 11.57
CA LEU A 43 9.46 -8.83 12.01
C LEU A 43 8.60 -9.87 12.77
N GLU A 44 9.14 -11.08 13.02
CA GLU A 44 8.49 -12.21 13.71
C GLU A 44 9.49 -13.02 14.55
N MET A 1 14.15 16.41 0.53
CA MET A 1 12.91 15.83 1.12
C MET A 1 12.12 15.04 0.06
N SER A 2 11.67 13.83 0.38
CA SER A 2 10.91 12.94 -0.53
C SER A 2 9.94 12.02 0.24
N THR A 3 9.04 11.34 -0.48
CA THR A 3 8.06 10.37 0.05
C THR A 3 7.83 9.18 -0.91
N VAL A 4 7.22 8.10 -0.43
CA VAL A 4 6.94 6.86 -1.18
C VAL A 4 5.55 6.28 -0.82
N PRO A 5 4.90 5.53 -1.73
CA PRO A 5 3.65 4.83 -1.42
C PRO A 5 3.87 3.66 -0.45
N LYS A 6 2.75 3.22 0.15
CA LYS A 6 2.67 2.09 1.11
C LYS A 6 1.59 1.07 0.74
N TYR A 7 0.57 1.47 -0.02
CA TYR A 7 -0.61 0.65 -0.34
C TYR A 7 -1.00 0.87 -1.81
N ARG A 8 -1.49 -0.18 -2.49
CA ARG A 8 -1.97 -0.13 -3.87
C ARG A 8 -3.16 -1.08 -4.07
N ASP A 9 -4.31 -0.52 -4.47
CA ASP A 9 -5.52 -1.27 -4.79
C ASP A 9 -5.32 -2.17 -6.03
N PRO A 10 -5.42 -3.51 -5.94
CA PRO A 10 -5.22 -4.40 -7.08
C PRO A 10 -6.36 -4.33 -8.13
N ALA A 11 -7.55 -3.83 -7.75
CA ALA A 11 -8.71 -3.76 -8.64
C ALA A 11 -8.62 -2.62 -9.68
N THR A 12 -7.95 -1.51 -9.36
CA THR A 12 -7.86 -0.30 -10.22
C THR A 12 -6.44 0.24 -10.41
N GLY A 13 -5.49 -0.15 -9.55
CA GLY A 13 -4.09 0.31 -9.57
C GLY A 13 -3.80 1.58 -8.77
N LYS A 14 -4.82 2.20 -8.15
CA LYS A 14 -4.69 3.42 -7.31
C LYS A 14 -3.83 3.18 -6.06
N THR A 15 -3.13 4.22 -5.60
CA THR A 15 -2.11 4.14 -4.53
C THR A 15 -2.42 5.06 -3.33
N TRP A 16 -1.81 4.75 -2.18
CA TRP A 16 -1.85 5.55 -0.95
C TRP A 16 -0.56 5.36 -0.12
N SER A 17 -0.29 6.23 0.86
CA SER A 17 1.00 6.32 1.57
C SER A 17 0.92 6.47 3.10
N GLY A 18 -0.20 6.07 3.72
CA GLY A 18 -0.30 6.00 5.19
C GLY A 18 -0.60 7.32 5.91
N ARG A 19 -1.06 8.35 5.18
CA ARG A 19 -1.33 9.71 5.68
C ARG A 19 -2.61 10.32 5.11
N GLY A 20 -3.18 11.32 5.79
CA GLY A 20 -4.51 11.86 5.48
C GLY A 20 -5.64 10.84 5.73
N ARG A 21 -6.86 11.14 5.25
CA ARG A 21 -8.02 10.23 5.33
C ARG A 21 -7.76 8.90 4.61
N GLN A 22 -8.13 7.80 5.27
CA GLN A 22 -7.97 6.44 4.74
C GLN A 22 -8.79 6.24 3.44
N PRO A 23 -8.24 5.61 2.39
CA PRO A 23 -8.98 5.30 1.16
C PRO A 23 -10.00 4.17 1.39
N ALA A 24 -11.18 4.30 0.78
CA ALA A 24 -12.32 3.39 1.00
C ALA A 24 -12.01 1.92 0.65
N TRP A 25 -11.16 1.68 -0.37
CA TRP A 25 -10.73 0.32 -0.77
C TRP A 25 -9.91 -0.44 0.27
N LEU A 26 -9.32 0.23 1.27
CA LEU A 26 -8.54 -0.44 2.32
C LEU A 26 -9.38 -1.35 3.24
N GLY A 27 -10.71 -1.16 3.29
CA GLY A 27 -11.65 -2.01 4.03
C GLY A 27 -11.26 -2.23 5.50
N ASN A 28 -11.06 -3.50 5.90
CA ASN A 28 -10.75 -3.92 7.27
C ASN A 28 -9.53 -4.87 7.37
N ASP A 29 -8.77 -5.06 6.27
CA ASP A 29 -7.60 -5.97 6.22
C ASP A 29 -6.51 -5.46 5.25
N PRO A 30 -5.68 -4.46 5.66
CA PRO A 30 -4.64 -3.84 4.83
C PRO A 30 -3.70 -4.79 4.08
N ALA A 31 -3.46 -6.01 4.59
CA ALA A 31 -2.54 -6.98 4.00
C ALA A 31 -2.88 -7.38 2.55
N ALA A 32 -4.14 -7.25 2.12
CA ALA A 32 -4.59 -7.53 0.76
C ALA A 32 -4.08 -6.53 -0.31
N PHE A 33 -3.68 -5.32 0.10
CA PHE A 33 -3.28 -4.20 -0.79
C PHE A 33 -2.02 -3.45 -0.31
N LEU A 34 -1.48 -3.77 0.88
CA LEU A 34 -0.17 -3.32 1.35
C LEU A 34 0.91 -3.70 0.33
N ILE A 35 1.79 -2.75 -0.03
CA ILE A 35 2.93 -3.03 -0.93
C ILE A 35 3.96 -3.91 -0.18
N GLN A 36 4.22 -5.11 -0.74
CA GLN A 36 4.99 -6.20 -0.12
C GLN A 36 5.91 -6.87 -1.17
N PRO A 37 7.01 -7.54 -0.77
CA PRO A 37 7.97 -8.22 -1.68
C PRO A 37 7.41 -9.23 -2.69
N ASP A 38 6.16 -9.67 -2.51
CA ASP A 38 5.39 -10.46 -3.48
C ASP A 38 5.21 -9.74 -4.85
N LEU A 39 5.44 -8.42 -4.88
CA LEU A 39 5.43 -7.51 -6.01
C LEU A 39 6.70 -6.64 -6.00
N PRO A 40 7.12 -6.08 -7.16
CA PRO A 40 8.27 -5.15 -7.22
C PRO A 40 8.01 -3.88 -6.40
N ALA A 41 8.91 -3.58 -5.47
CA ALA A 41 8.78 -2.49 -4.50
C ALA A 41 10.13 -1.83 -4.14
N ILE A 42 10.09 -0.72 -3.39
CA ILE A 42 11.25 0.05 -2.89
C ILE A 42 11.89 -0.59 -1.63
N LEU A 43 12.16 -1.89 -1.77
CA LEU A 43 12.82 -2.76 -0.79
C LEU A 43 14.32 -2.44 -0.61
N GLU A 44 14.93 -1.76 -1.59
CA GLU A 44 16.36 -1.34 -1.62
C GLU A 44 16.82 -0.53 -0.39
N MET A 1 16.31 14.14 -1.18
CA MET A 1 15.30 13.32 -0.44
C MET A 1 14.19 12.84 -1.39
N SER A 2 13.62 11.66 -1.12
CA SER A 2 12.50 11.07 -1.88
C SER A 2 11.62 10.16 -0.99
N THR A 3 10.44 9.77 -1.49
CA THR A 3 9.46 8.89 -0.80
C THR A 3 8.68 8.01 -1.79
N VAL A 4 7.98 6.98 -1.30
CA VAL A 4 7.21 6.00 -2.08
C VAL A 4 5.87 5.64 -1.38
N PRO A 5 4.85 5.16 -2.13
CA PRO A 5 3.61 4.63 -1.56
C PRO A 5 3.79 3.51 -0.52
N LYS A 6 2.74 3.31 0.27
CA LYS A 6 2.58 2.24 1.28
C LYS A 6 1.55 1.19 0.87
N TYR A 7 0.61 1.54 -0.01
CA TYR A 7 -0.48 0.68 -0.47
C TYR A 7 -0.72 0.83 -1.98
N ARG A 8 -1.22 -0.25 -2.60
CA ARG A 8 -1.72 -0.30 -3.98
C ARG A 8 -2.92 -1.25 -4.06
N ASP A 9 -4.09 -0.71 -4.40
CA ASP A 9 -5.33 -1.46 -4.65
C ASP A 9 -5.18 -2.39 -5.87
N PRO A 10 -5.29 -3.73 -5.74
CA PRO A 10 -5.12 -4.64 -6.86
C PRO A 10 -6.27 -4.60 -7.89
N ALA A 11 -7.45 -4.10 -7.50
CA ALA A 11 -8.63 -4.05 -8.37
C ALA A 11 -8.56 -2.93 -9.44
N THR A 12 -7.92 -1.79 -9.14
CA THR A 12 -7.90 -0.59 -10.00
C THR A 12 -6.51 0.04 -10.19
N GLY A 13 -5.52 -0.31 -9.37
CA GLY A 13 -4.16 0.23 -9.42
C GLY A 13 -3.94 1.55 -8.65
N LYS A 14 -4.98 2.06 -7.96
CA LYS A 14 -4.90 3.24 -7.07
C LYS A 14 -3.91 3.01 -5.92
N THR A 15 -3.28 4.07 -5.44
CA THR A 15 -2.20 4.03 -4.42
C THR A 15 -2.41 5.03 -3.28
N TRP A 16 -1.77 4.76 -2.14
CA TRP A 16 -1.78 5.61 -0.93
C TRP A 16 -0.50 5.43 -0.10
N SER A 17 -0.19 6.36 0.81
CA SER A 17 1.11 6.43 1.51
C SER A 17 1.06 6.63 3.03
N GLY A 18 -0.09 6.40 3.68
CA GLY A 18 -0.20 6.40 5.15
C GLY A 18 -0.53 7.77 5.78
N ARG A 19 -0.97 8.76 4.99
CA ARG A 19 -1.27 10.14 5.44
C ARG A 19 -2.59 10.66 4.86
N GLY A 20 -3.27 11.56 5.58
CA GLY A 20 -4.63 12.01 5.25
C GLY A 20 -5.70 10.93 5.49
N ARG A 21 -6.93 11.16 5.01
CA ARG A 21 -8.05 10.20 5.10
C ARG A 21 -7.73 8.89 4.38
N GLN A 22 -7.99 7.76 5.04
CA GLN A 22 -7.74 6.42 4.51
C GLN A 22 -8.67 6.09 3.30
N PRO A 23 -8.15 5.53 2.19
CA PRO A 23 -8.95 5.10 1.03
C PRO A 23 -10.09 4.11 1.37
N ALA A 24 -11.20 4.20 0.63
CA ALA A 24 -12.41 3.40 0.88
C ALA A 24 -12.21 1.88 0.67
N TRP A 25 -11.40 1.48 -0.32
CA TRP A 25 -11.05 0.07 -0.58
C TRP A 25 -10.24 -0.58 0.55
N LEU A 26 -9.43 0.22 1.25
CA LEU A 26 -8.45 -0.25 2.24
C LEU A 26 -9.10 -0.71 3.57
N GLY A 27 -10.22 -0.10 3.96
CA GLY A 27 -10.89 -0.22 5.26
C GLY A 27 -11.57 -1.56 5.58
N ASN A 28 -10.90 -2.70 5.35
CA ASN A 28 -11.37 -4.04 5.71
C ASN A 28 -10.23 -4.98 6.13
N ASP A 29 -9.14 -5.08 5.34
CA ASP A 29 -8.05 -6.03 5.54
C ASP A 29 -6.73 -5.57 4.85
N PRO A 30 -5.95 -4.65 5.47
CA PRO A 30 -4.73 -4.03 4.93
C PRO A 30 -3.77 -4.93 4.13
N ALA A 31 -3.56 -6.18 4.56
CA ALA A 31 -2.67 -7.13 3.90
C ALA A 31 -3.00 -7.43 2.42
N ALA A 32 -4.25 -7.21 1.98
CA ALA A 32 -4.66 -7.38 0.58
C ALA A 32 -4.06 -6.34 -0.40
N PHE A 33 -3.62 -5.18 0.11
CA PHE A 33 -3.15 -4.04 -0.69
C PHE A 33 -1.88 -3.34 -0.16
N LEU A 34 -1.41 -3.70 1.04
CA LEU A 34 -0.10 -3.27 1.56
C LEU A 34 1.03 -3.64 0.58
N ILE A 35 1.89 -2.67 0.24
CA ILE A 35 3.12 -2.92 -0.53
C ILE A 35 4.16 -3.56 0.39
N GLN A 36 4.77 -4.66 -0.07
CA GLN A 36 5.77 -5.46 0.67
C GLN A 36 6.94 -5.85 -0.27
N PRO A 37 8.16 -6.10 0.25
CA PRO A 37 9.37 -6.26 -0.58
C PRO A 37 9.49 -7.58 -1.36
N ASP A 38 8.79 -8.62 -0.91
CA ASP A 38 8.71 -9.94 -1.57
C ASP A 38 7.59 -10.84 -1.02
N LEU A 39 7.46 -10.86 0.32
CA LEU A 39 6.47 -11.61 1.08
C LEU A 39 6.03 -10.79 2.32
N PRO A 40 4.73 -10.75 2.70
CA PRO A 40 4.26 -10.00 3.86
C PRO A 40 5.00 -10.30 5.18
N ALA A 41 5.28 -9.25 5.96
CA ALA A 41 5.80 -9.32 7.33
C ALA A 41 4.73 -9.73 8.38
N ILE A 42 3.88 -10.68 7.99
CA ILE A 42 2.68 -11.16 8.70
C ILE A 42 2.64 -12.69 8.58
N LEU A 43 3.63 -13.32 9.22
CA LEU A 43 3.95 -14.75 9.07
C LEU A 43 4.29 -15.45 10.41
N GLU A 44 4.22 -14.73 11.54
CA GLU A 44 4.54 -15.22 12.90
C GLU A 44 3.66 -14.54 13.98
N MET A 1 14.69 15.79 -1.32
CA MET A 1 13.68 15.06 -0.49
C MET A 1 12.67 14.34 -1.39
N SER A 2 12.37 13.07 -1.10
CA SER A 2 11.51 12.18 -1.91
C SER A 2 10.63 11.27 -1.04
N THR A 3 9.53 10.75 -1.61
CA THR A 3 8.55 9.89 -0.93
C THR A 3 8.09 8.73 -1.84
N VAL A 4 7.46 7.70 -1.23
CA VAL A 4 6.96 6.48 -1.91
C VAL A 4 5.60 6.04 -1.34
N PRO A 5 4.76 5.31 -2.11
CA PRO A 5 3.53 4.70 -1.59
C PRO A 5 3.81 3.55 -0.60
N LYS A 6 2.76 3.19 0.15
CA LYS A 6 2.71 2.05 1.08
C LYS A 6 1.63 1.03 0.71
N TYR A 7 0.61 1.44 -0.06
CA TYR A 7 -0.56 0.61 -0.38
C TYR A 7 -0.96 0.82 -1.84
N ARG A 8 -1.41 -0.24 -2.54
CA ARG A 8 -1.91 -0.17 -3.91
C ARG A 8 -3.04 -1.18 -4.14
N ASP A 9 -4.22 -0.69 -4.48
CA ASP A 9 -5.40 -1.49 -4.85
C ASP A 9 -5.16 -2.30 -6.13
N PRO A 10 -5.18 -3.65 -6.12
CA PRO A 10 -4.93 -4.46 -7.32
C PRO A 10 -6.08 -4.43 -8.33
N ALA A 11 -7.29 -4.05 -7.92
CA ALA A 11 -8.48 -4.03 -8.78
C ALA A 11 -8.51 -2.85 -9.77
N THR A 12 -7.89 -1.71 -9.42
CA THR A 12 -7.90 -0.46 -10.20
C THR A 12 -6.52 0.18 -10.40
N GLY A 13 -5.53 -0.15 -9.55
CA GLY A 13 -4.17 0.40 -9.59
C GLY A 13 -3.96 1.65 -8.71
N LYS A 14 -5.00 2.16 -8.03
CA LYS A 14 -4.94 3.33 -7.14
C LYS A 14 -3.99 3.10 -5.94
N THR A 15 -3.36 4.16 -5.45
CA THR A 15 -2.28 4.12 -4.43
C THR A 15 -2.54 5.01 -3.22
N TRP A 16 -1.88 4.70 -2.09
CA TRP A 16 -1.87 5.50 -0.85
C TRP A 16 -0.55 5.31 -0.08
N SER A 17 -0.25 6.18 0.88
CA SER A 17 1.07 6.27 1.54
C SER A 17 1.06 6.55 3.06
N GLY A 18 -0.10 6.62 3.70
CA GLY A 18 -0.24 6.89 5.15
C GLY A 18 -0.75 8.30 5.49
N ARG A 19 -0.72 9.24 4.53
CA ARG A 19 -1.23 10.62 4.68
C ARG A 19 -2.76 10.65 4.79
N GLY A 20 -3.30 11.29 5.84
CA GLY A 20 -4.75 11.41 6.07
C GLY A 20 -5.41 10.08 6.48
N ARG A 21 -6.76 10.04 6.41
CA ARG A 21 -7.56 8.83 6.67
C ARG A 21 -7.34 7.74 5.61
N GLN A 22 -7.58 6.49 5.99
CA GLN A 22 -7.48 5.32 5.10
C GLN A 22 -8.46 5.41 3.90
N PRO A 23 -8.05 5.07 2.67
CA PRO A 23 -8.94 4.95 1.51
C PRO A 23 -10.11 3.97 1.72
N ALA A 24 -11.23 4.20 1.01
CA ALA A 24 -12.40 3.33 1.06
C ALA A 24 -12.13 1.88 0.60
N TRP A 25 -11.21 1.68 -0.36
CA TRP A 25 -10.77 0.35 -0.80
C TRP A 25 -9.93 -0.41 0.23
N LEU A 26 -9.25 0.30 1.15
CA LEU A 26 -8.33 -0.31 2.12
C LEU A 26 -9.05 -1.08 3.24
N GLY A 27 -10.22 -0.59 3.68
CA GLY A 27 -11.07 -1.25 4.68
C GLY A 27 -10.36 -1.56 6.03
N ASN A 28 -10.88 -2.58 6.73
CA ASN A 28 -10.41 -2.98 8.07
C ASN A 28 -9.05 -3.73 8.08
N ASP A 29 -8.59 -4.26 6.94
CA ASP A 29 -7.43 -5.17 6.85
C ASP A 29 -6.52 -4.86 5.63
N PRO A 30 -5.56 -3.93 5.76
CA PRO A 30 -4.63 -3.52 4.69
C PRO A 30 -3.80 -4.62 4.00
N ALA A 31 -3.68 -5.82 4.57
CA ALA A 31 -2.78 -6.87 4.10
C ALA A 31 -3.00 -7.29 2.62
N ALA A 32 -4.22 -7.17 2.09
CA ALA A 32 -4.55 -7.51 0.70
C ALA A 32 -3.95 -6.56 -0.36
N PHE A 33 -3.56 -5.35 0.04
CA PHE A 33 -3.09 -4.26 -0.86
C PHE A 33 -1.83 -3.52 -0.35
N LEU A 34 -1.33 -3.87 0.84
CA LEU A 34 -0.04 -3.43 1.38
C LEU A 34 1.12 -3.78 0.41
N ILE A 35 1.99 -2.82 0.12
CA ILE A 35 3.18 -3.00 -0.72
C ILE A 35 4.31 -3.60 0.13
N GLN A 36 4.75 -4.82 -0.19
CA GLN A 36 5.83 -5.52 0.51
C GLN A 36 7.21 -4.83 0.27
N PRO A 37 8.15 -4.90 1.23
CA PRO A 37 9.47 -4.23 1.12
C PRO A 37 10.48 -4.96 0.22
N ASP A 38 10.21 -6.22 -0.16
CA ASP A 38 11.09 -7.13 -0.90
C ASP A 38 12.55 -7.21 -0.37
N LEU A 39 12.72 -7.01 0.95
CA LEU A 39 14.01 -6.99 1.66
C LEU A 39 13.83 -7.57 3.08
N PRO A 40 14.76 -8.42 3.58
CA PRO A 40 14.68 -8.95 4.95
C PRO A 40 14.98 -7.88 6.02
N ALA A 41 14.51 -8.13 7.24
CA ALA A 41 14.65 -7.24 8.40
C ALA A 41 15.72 -7.72 9.42
N ILE A 42 16.73 -8.41 8.87
CA ILE A 42 17.89 -9.01 9.57
C ILE A 42 19.17 -8.82 8.75
N LEU A 43 19.41 -7.55 8.42
CA LEU A 43 20.43 -7.07 7.46
C LEU A 43 21.32 -5.94 8.01
N GLU A 44 21.11 -5.52 9.26
CA GLU A 44 21.85 -4.45 9.97
C GLU A 44 21.98 -4.72 11.48
N MET A 1 14.94 13.75 1.24
CA MET A 1 15.04 12.26 1.12
C MET A 1 13.79 11.69 0.41
N SER A 2 13.99 10.78 -0.55
CA SER A 2 12.90 10.12 -1.32
C SER A 2 11.96 9.28 -0.44
N THR A 3 10.73 9.07 -0.92
CA THR A 3 9.66 8.28 -0.26
C THR A 3 8.89 7.41 -1.25
N VAL A 4 8.12 6.44 -0.74
CA VAL A 4 7.32 5.46 -1.52
C VAL A 4 5.94 5.21 -0.87
N PRO A 5 4.91 4.80 -1.65
CA PRO A 5 3.61 4.41 -1.11
C PRO A 5 3.65 3.14 -0.24
N LYS A 6 2.58 2.95 0.53
CA LYS A 6 2.34 1.79 1.41
C LYS A 6 1.34 0.78 0.82
N TYR A 7 0.42 1.21 -0.04
CA TYR A 7 -0.64 0.35 -0.58
C TYR A 7 -0.94 0.67 -2.05
N ARG A 8 -1.36 -0.33 -2.84
CA ARG A 8 -1.85 -0.14 -4.22
C ARG A 8 -2.97 -1.12 -4.56
N ASP A 9 -4.16 -0.58 -4.80
CA ASP A 9 -5.38 -1.33 -5.15
C ASP A 9 -5.22 -2.08 -6.50
N PRO A 10 -5.30 -3.43 -6.54
CA PRO A 10 -5.13 -4.20 -7.77
C PRO A 10 -6.30 -4.06 -8.76
N ALA A 11 -7.49 -3.64 -8.30
CA ALA A 11 -8.69 -3.52 -9.13
C ALA A 11 -8.69 -2.27 -10.04
N THR A 12 -8.07 -1.17 -9.61
CA THR A 12 -8.09 0.14 -10.30
C THR A 12 -6.71 0.83 -10.44
N GLY A 13 -5.71 0.40 -9.66
CA GLY A 13 -4.34 0.95 -9.69
C GLY A 13 -4.09 2.11 -8.71
N LYS A 14 -5.10 2.56 -7.96
CA LYS A 14 -5.01 3.63 -6.94
C LYS A 14 -4.01 3.31 -5.83
N THR A 15 -3.39 4.33 -5.25
CA THR A 15 -2.31 4.20 -4.23
C THR A 15 -2.60 4.98 -2.95
N TRP A 16 -1.98 4.56 -1.84
CA TRP A 16 -2.01 5.28 -0.56
C TRP A 16 -0.70 5.07 0.23
N SER A 17 -0.39 5.95 1.19
CA SER A 17 0.93 6.01 1.84
C SER A 17 0.93 6.24 3.36
N GLY A 18 -0.21 6.05 4.05
CA GLY A 18 -0.28 6.21 5.52
C GLY A 18 -0.48 7.66 6.00
N ARG A 19 -0.96 8.56 5.12
CA ARG A 19 -1.11 10.00 5.36
C ARG A 19 -2.47 10.52 4.87
N GLY A 20 -3.06 11.50 5.56
CA GLY A 20 -4.41 12.00 5.29
C GLY A 20 -5.52 10.98 5.61
N ARG A 21 -6.76 11.30 5.21
CA ARG A 21 -7.93 10.41 5.35
C ARG A 21 -7.71 9.09 4.61
N GLN A 22 -8.03 7.97 5.26
CA GLN A 22 -7.94 6.62 4.71
C GLN A 22 -8.93 6.44 3.53
N PRO A 23 -8.50 5.87 2.36
CA PRO A 23 -9.39 5.65 1.22
C PRO A 23 -10.34 4.46 1.44
N ALA A 24 -11.49 4.47 0.78
CA ALA A 24 -12.57 3.50 0.99
C ALA A 24 -12.19 2.04 0.67
N TRP A 25 -11.34 1.83 -0.36
CA TRP A 25 -10.86 0.49 -0.75
C TRP A 25 -9.98 -0.19 0.32
N LEU A 26 -9.38 0.57 1.24
CA LEU A 26 -8.50 0.02 2.28
C LEU A 26 -9.23 -0.82 3.35
N GLY A 27 -10.54 -0.63 3.52
CA GLY A 27 -11.34 -1.18 4.62
C GLY A 27 -11.46 -2.70 4.69
N ASN A 28 -11.60 -3.36 3.53
CA ASN A 28 -11.94 -4.79 3.44
C ASN A 28 -10.88 -5.71 4.10
N ASP A 29 -9.61 -5.53 3.74
CA ASP A 29 -8.46 -6.27 4.29
C ASP A 29 -7.15 -5.52 3.91
N PRO A 30 -6.65 -4.57 4.73
CA PRO A 30 -5.55 -3.69 4.34
C PRO A 30 -4.26 -4.41 3.93
N ALA A 31 -3.95 -5.56 4.53
CA ALA A 31 -2.78 -6.36 4.20
C ALA A 31 -2.81 -6.99 2.79
N ALA A 32 -3.98 -7.13 2.16
CA ALA A 32 -4.14 -7.79 0.86
C ALA A 32 -3.45 -7.05 -0.31
N PHE A 33 -3.30 -5.72 -0.19
CA PHE A 33 -2.76 -4.82 -1.22
C PHE A 33 -1.69 -3.85 -0.66
N LEU A 34 -1.14 -4.16 0.53
CA LEU A 34 0.02 -3.47 1.10
C LEU A 34 1.30 -3.87 0.32
N ILE A 35 2.01 -2.86 -0.18
CA ILE A 35 3.24 -3.02 -0.99
C ILE A 35 4.37 -3.57 -0.11
N GLN A 36 5.00 -4.66 -0.56
CA GLN A 36 6.11 -5.36 0.13
C GLN A 36 7.19 -5.82 -0.88
N PRO A 37 8.45 -6.02 -0.44
CA PRO A 37 9.58 -6.41 -1.29
C PRO A 37 9.55 -7.91 -1.69
N ASP A 38 8.45 -8.36 -2.31
CA ASP A 38 8.26 -9.71 -2.84
C ASP A 38 9.23 -10.07 -3.99
N LEU A 39 9.81 -9.05 -4.63
CA LEU A 39 10.88 -9.09 -5.62
C LEU A 39 12.11 -8.29 -5.11
N PRO A 40 13.34 -8.58 -5.62
CA PRO A 40 14.57 -7.88 -5.22
C PRO A 40 14.47 -6.35 -5.19
N ALA A 41 14.96 -5.75 -4.10
CA ALA A 41 14.87 -4.31 -3.80
C ALA A 41 16.06 -3.82 -2.95
N ILE A 42 16.15 -2.50 -2.73
CA ILE A 42 17.12 -1.83 -1.85
C ILE A 42 16.73 -1.92 -0.36
N LEU A 43 16.49 -3.16 0.04
CA LEU A 43 15.97 -3.59 1.33
C LEU A 43 16.58 -4.95 1.72
N GLU A 44 17.21 -5.01 2.90
CA GLU A 44 17.85 -6.22 3.48
C GLU A 44 17.74 -6.26 5.02
N MET A 1 12.23 11.56 -5.95
CA MET A 1 10.82 11.77 -5.50
C MET A 1 10.75 12.09 -4.00
N SER A 2 9.98 13.11 -3.60
CA SER A 2 9.89 13.59 -2.21
C SER A 2 9.12 12.66 -1.26
N THR A 3 8.23 11.82 -1.79
CA THR A 3 7.43 10.82 -1.05
C THR A 3 7.18 9.54 -1.88
N VAL A 4 6.72 8.46 -1.24
CA VAL A 4 6.45 7.15 -1.85
C VAL A 4 5.16 6.51 -1.27
N PRO A 5 4.46 5.64 -2.04
CA PRO A 5 3.28 4.92 -1.55
C PRO A 5 3.63 3.83 -0.52
N LYS A 6 2.58 3.35 0.16
CA LYS A 6 2.58 2.25 1.14
C LYS A 6 1.57 1.14 0.78
N TYR A 7 0.55 1.47 -0.01
CA TYR A 7 -0.54 0.56 -0.41
C TYR A 7 -0.89 0.76 -1.89
N ARG A 8 -1.33 -0.30 -2.57
CA ARG A 8 -1.81 -0.30 -3.97
C ARG A 8 -2.95 -1.30 -4.17
N ASP A 9 -4.14 -0.80 -4.51
CA ASP A 9 -5.32 -1.60 -4.81
C ASP A 9 -5.11 -2.48 -6.07
N PRO A 10 -5.22 -3.82 -5.99
CA PRO A 10 -4.95 -4.70 -7.13
C PRO A 10 -6.03 -4.65 -8.24
N ALA A 11 -7.26 -4.22 -7.92
CA ALA A 11 -8.38 -4.18 -8.87
C ALA A 11 -8.32 -2.98 -9.83
N THR A 12 -7.72 -1.86 -9.42
CA THR A 12 -7.74 -0.57 -10.15
C THR A 12 -6.37 0.11 -10.30
N GLY A 13 -5.37 -0.27 -9.50
CA GLY A 13 -4.04 0.35 -9.49
C GLY A 13 -3.94 1.64 -8.65
N LYS A 14 -5.03 2.07 -7.97
CA LYS A 14 -5.04 3.20 -7.02
C LYS A 14 -4.06 2.98 -5.86
N THR A 15 -3.50 4.06 -5.31
CA THR A 15 -2.45 4.01 -4.28
C THR A 15 -2.73 4.95 -3.08
N TRP A 16 -2.09 4.64 -1.95
CA TRP A 16 -2.08 5.47 -0.74
C TRP A 16 -0.74 5.32 0.01
N SER A 17 -0.43 6.19 0.98
CA SER A 17 0.92 6.30 1.58
C SER A 17 0.99 6.37 3.12
N GLY A 18 -0.10 6.09 3.84
CA GLY A 18 -0.09 6.01 5.30
C GLY A 18 -0.37 7.32 6.05
N ARG A 19 -0.77 8.39 5.33
CA ARG A 19 -1.07 9.73 5.87
C ARG A 19 -2.35 10.35 5.29
N GLY A 20 -2.97 11.25 6.04
CA GLY A 20 -4.31 11.78 5.73
C GLY A 20 -5.43 10.73 5.85
N ARG A 21 -6.65 11.09 5.44
CA ARG A 21 -7.81 10.18 5.40
C ARG A 21 -7.59 9.03 4.41
N GLN A 22 -7.70 7.78 4.88
CA GLN A 22 -7.59 6.58 4.03
C GLN A 22 -8.67 6.52 2.91
N PRO A 23 -8.38 5.92 1.75
CA PRO A 23 -9.38 5.68 0.70
C PRO A 23 -10.32 4.52 1.03
N ALA A 24 -11.49 4.47 0.38
CA ALA A 24 -12.55 3.50 0.68
C ALA A 24 -12.11 2.02 0.54
N TRP A 25 -11.27 1.69 -0.46
CA TRP A 25 -10.75 0.33 -0.67
C TRP A 25 -9.85 -0.18 0.48
N LEU A 26 -9.28 0.72 1.29
CA LEU A 26 -8.47 0.34 2.45
C LEU A 26 -9.29 -0.30 3.59
N GLY A 27 -10.61 -0.09 3.61
CA GLY A 27 -11.51 -0.43 4.71
C GLY A 27 -11.98 -1.90 4.74
N ASN A 28 -11.07 -2.86 4.57
CA ASN A 28 -11.38 -4.30 4.63
C ASN A 28 -10.25 -5.15 5.25
N ASP A 29 -9.09 -5.25 4.58
CA ASP A 29 -7.98 -6.12 4.99
C ASP A 29 -6.63 -5.62 4.44
N PRO A 30 -5.93 -4.72 5.17
CA PRO A 30 -4.68 -4.09 4.74
C PRO A 30 -3.64 -4.97 4.04
N ALA A 31 -3.46 -6.22 4.51
CA ALA A 31 -2.49 -7.15 3.94
C ALA A 31 -2.75 -7.55 2.48
N ALA A 32 -3.99 -7.42 1.98
CA ALA A 32 -4.36 -7.72 0.60
C ALA A 32 -3.79 -6.73 -0.43
N PHE A 33 -3.45 -5.50 -0.01
CA PHE A 33 -3.01 -4.40 -0.88
C PHE A 33 -1.82 -3.59 -0.35
N LEU A 34 -1.28 -3.91 0.84
CA LEU A 34 -0.01 -3.36 1.33
C LEU A 34 1.12 -3.67 0.34
N ILE A 35 2.00 -2.71 0.06
CA ILE A 35 3.24 -2.94 -0.68
C ILE A 35 4.16 -3.79 0.21
N GLN A 36 4.52 -4.99 -0.26
CA GLN A 36 5.20 -6.02 0.54
C GLN A 36 6.26 -6.80 -0.26
N PRO A 37 7.29 -7.39 0.39
CA PRO A 37 8.38 -8.15 -0.25
C PRO A 37 7.97 -9.58 -0.67
N ASP A 38 6.80 -9.75 -1.28
CA ASP A 38 6.35 -10.99 -1.93
C ASP A 38 7.34 -11.52 -2.99
N LEU A 39 8.15 -10.61 -3.55
CA LEU A 39 9.31 -10.84 -4.41
C LEU A 39 10.55 -10.19 -3.73
N PRO A 40 11.75 -10.77 -3.87
CA PRO A 40 12.95 -10.31 -3.14
C PRO A 40 13.43 -8.92 -3.60
N ALA A 41 14.08 -8.21 -2.67
CA ALA A 41 14.75 -6.92 -2.88
C ALA A 41 16.11 -6.85 -2.15
N ILE A 42 16.79 -8.00 -2.12
CA ILE A 42 18.03 -8.27 -1.36
C ILE A 42 19.06 -9.04 -2.22
N LEU A 43 19.35 -8.44 -3.37
CA LEU A 43 20.18 -8.99 -4.44
C LEU A 43 21.00 -7.86 -5.09
N GLU A 44 22.33 -8.04 -5.16
CA GLU A 44 23.31 -7.07 -5.69
C GLU A 44 24.43 -7.75 -6.51
N MET A 1 12.45 12.56 -1.96
CA MET A 1 11.03 12.91 -1.68
C MET A 1 10.67 12.68 -0.21
N SER A 2 9.84 13.53 0.38
CA SER A 2 9.48 13.50 1.82
C SER A 2 8.69 12.26 2.26
N THR A 3 7.90 11.67 1.37
CA THR A 3 7.10 10.44 1.58
C THR A 3 7.11 9.51 0.36
N VAL A 4 6.67 8.26 0.54
CA VAL A 4 6.54 7.24 -0.52
C VAL A 4 5.25 6.40 -0.32
N PRO A 5 4.70 5.77 -1.38
CA PRO A 5 3.57 4.84 -1.27
C PRO A 5 3.74 3.73 -0.22
N LYS A 6 2.60 3.24 0.29
CA LYS A 6 2.49 2.11 1.23
C LYS A 6 1.51 1.02 0.73
N TYR A 7 0.47 1.40 0.00
CA TYR A 7 -0.60 0.49 -0.45
C TYR A 7 -0.94 0.76 -1.93
N ARG A 8 -1.38 -0.27 -2.66
CA ARG A 8 -1.87 -0.16 -4.04
C ARG A 8 -2.98 -1.17 -4.34
N ASP A 9 -4.18 -0.67 -4.64
CA ASP A 9 -5.36 -1.45 -4.97
C ASP A 9 -5.18 -2.26 -6.28
N PRO A 10 -5.28 -3.61 -6.27
CA PRO A 10 -5.07 -4.42 -7.47
C PRO A 10 -6.21 -4.33 -8.50
N ALA A 11 -7.42 -3.93 -8.09
CA ALA A 11 -8.59 -3.85 -8.97
C ALA A 11 -8.58 -2.63 -9.91
N THR A 12 -7.98 -1.51 -9.50
CA THR A 12 -7.99 -0.23 -10.22
C THR A 12 -6.62 0.45 -10.38
N GLY A 13 -5.61 0.04 -9.59
CA GLY A 13 -4.25 0.59 -9.62
C GLY A 13 -4.02 1.81 -8.71
N LYS A 14 -5.05 2.29 -8.01
CA LYS A 14 -5.00 3.42 -7.05
C LYS A 14 -4.02 3.16 -5.90
N THR A 15 -3.40 4.22 -5.37
CA THR A 15 -2.34 4.14 -4.34
C THR A 15 -2.65 4.98 -3.10
N TRP A 16 -2.01 4.65 -1.98
CA TRP A 16 -2.02 5.43 -0.74
C TRP A 16 -0.69 5.31 0.03
N SER A 17 -0.39 6.26 0.93
CA SER A 17 0.93 6.42 1.57
C SER A 17 0.94 6.70 3.08
N GLY A 18 -0.19 6.61 3.78
CA GLY A 18 -0.23 6.73 5.24
C GLY A 18 -0.64 8.11 5.78
N ARG A 19 -1.07 9.05 4.92
CA ARG A 19 -1.47 10.43 5.28
C ARG A 19 -2.78 10.86 4.60
N GLY A 20 -3.44 11.88 5.16
CA GLY A 20 -4.79 12.29 4.75
C GLY A 20 -5.88 11.28 5.19
N ARG A 21 -7.11 11.50 4.72
CA ARG A 21 -8.25 10.59 4.96
C ARG A 21 -8.00 9.20 4.36
N GLN A 22 -8.46 8.15 5.04
CA GLN A 22 -8.33 6.76 4.60
C GLN A 22 -9.10 6.50 3.29
N PRO A 23 -8.51 5.85 2.26
CA PRO A 23 -9.24 5.38 1.09
C PRO A 23 -10.35 4.38 1.44
N ALA A 24 -11.43 4.34 0.67
CA ALA A 24 -12.54 3.40 0.87
C ALA A 24 -12.12 1.93 0.67
N TRP A 25 -11.34 1.65 -0.39
CA TRP A 25 -10.79 0.32 -0.68
C TRP A 25 -9.86 -0.22 0.42
N LEU A 26 -9.25 0.67 1.22
CA LEU A 26 -8.39 0.28 2.34
C LEU A 26 -9.14 -0.47 3.47
N GLY A 27 -10.48 -0.34 3.53
CA GLY A 27 -11.32 -0.90 4.59
C GLY A 27 -11.45 -2.42 4.59
N ASN A 28 -11.44 -3.04 3.40
CA ASN A 28 -11.75 -4.45 3.18
C ASN A 28 -10.78 -5.41 3.92
N ASP A 29 -9.47 -5.32 3.64
CA ASP A 29 -8.42 -6.14 4.26
C ASP A 29 -7.02 -5.54 3.99
N PRO A 30 -6.51 -4.65 4.87
CA PRO A 30 -5.23 -3.94 4.69
C PRO A 30 -4.03 -4.77 4.19
N ALA A 31 -3.91 -6.04 4.60
CA ALA A 31 -2.85 -6.94 4.18
C ALA A 31 -2.88 -7.34 2.68
N ALA A 32 -4.05 -7.29 2.04
CA ALA A 32 -4.26 -7.75 0.66
C ALA A 32 -3.58 -6.86 -0.41
N PHE A 33 -3.35 -5.57 -0.10
CA PHE A 33 -2.87 -4.55 -1.04
C PHE A 33 -1.71 -3.70 -0.50
N LEU A 34 -1.07 -4.10 0.61
CA LEU A 34 0.20 -3.49 1.06
C LEU A 34 1.30 -3.74 0.02
N ILE A 35 2.06 -2.71 -0.36
CA ILE A 35 3.20 -2.83 -1.28
C ILE A 35 4.33 -3.63 -0.59
N GLN A 36 4.61 -4.82 -1.11
CA GLN A 36 5.52 -5.79 -0.48
C GLN A 36 7.01 -5.35 -0.56
N PRO A 37 7.87 -5.76 0.40
CA PRO A 37 9.29 -5.39 0.45
C PRO A 37 10.20 -6.22 -0.48
N ASP A 38 9.67 -7.20 -1.21
CA ASP A 38 10.41 -8.21 -1.99
C ASP A 38 11.55 -8.91 -1.21
N LEU A 39 11.32 -9.12 0.10
CA LEU A 39 12.25 -9.73 1.08
C LEU A 39 11.47 -10.64 2.06
N PRO A 40 12.13 -11.64 2.68
CA PRO A 40 11.50 -12.51 3.68
C PRO A 40 11.19 -11.76 4.99
N ALA A 41 10.24 -12.31 5.75
CA ALA A 41 9.79 -11.81 7.05
C ALA A 41 9.41 -12.98 8.00
N ILE A 42 9.44 -12.71 9.31
CA ILE A 42 9.25 -13.67 10.43
C ILE A 42 9.73 -15.11 10.13
N LEU A 43 11.02 -15.18 9.78
CA LEU A 43 11.71 -16.41 9.35
C LEU A 43 12.02 -17.38 10.51
N GLU A 44 12.06 -16.87 11.76
CA GLU A 44 12.32 -17.63 12.99
C GLU A 44 11.37 -18.82 13.24
N MET A 1 5.35 13.30 -5.10
CA MET A 1 4.96 13.30 -3.66
C MET A 1 6.19 13.11 -2.77
N SER A 2 6.24 13.78 -1.60
CA SER A 2 7.42 13.87 -0.71
C SER A 2 7.92 12.55 -0.11
N THR A 3 7.12 11.48 -0.10
CA THR A 3 7.50 10.14 0.36
C THR A 3 6.90 9.01 -0.51
N VAL A 4 7.40 7.79 -0.35
CA VAL A 4 6.97 6.58 -1.08
C VAL A 4 5.53 6.14 -0.70
N PRO A 5 4.81 5.43 -1.60
CA PRO A 5 3.53 4.80 -1.26
C PRO A 5 3.71 3.63 -0.28
N LYS A 6 2.59 3.23 0.34
CA LYS A 6 2.46 2.10 1.27
C LYS A 6 1.47 1.03 0.79
N TYR A 7 0.47 1.42 -0.01
CA TYR A 7 -0.63 0.53 -0.43
C TYR A 7 -0.96 0.73 -1.91
N ARG A 8 -1.35 -0.34 -2.61
CA ARG A 8 -1.81 -0.30 -4.01
C ARG A 8 -2.93 -1.31 -4.26
N ASP A 9 -4.13 -0.81 -4.58
CA ASP A 9 -5.31 -1.61 -4.91
C ASP A 9 -5.10 -2.43 -6.22
N PRO A 10 -5.15 -3.78 -6.19
CA PRO A 10 -4.94 -4.60 -7.38
C PRO A 10 -6.08 -4.53 -8.40
N ALA A 11 -7.29 -4.13 -7.99
CA ALA A 11 -8.47 -4.07 -8.86
C ALA A 11 -8.46 -2.88 -9.84
N THR A 12 -7.86 -1.74 -9.46
CA THR A 12 -7.88 -0.48 -10.22
C THR A 12 -6.52 0.22 -10.36
N GLY A 13 -5.53 -0.16 -9.55
CA GLY A 13 -4.18 0.43 -9.56
C GLY A 13 -4.01 1.68 -8.68
N LYS A 14 -5.06 2.14 -7.98
CA LYS A 14 -5.03 3.25 -7.02
C LYS A 14 -4.05 3.02 -5.87
N THR A 15 -3.46 4.09 -5.33
CA THR A 15 -2.41 4.03 -4.30
C THR A 15 -2.68 4.95 -3.10
N TRP A 16 -2.03 4.64 -1.96
CA TRP A 16 -2.03 5.46 -0.75
C TRP A 16 -0.70 5.31 0.02
N SER A 17 -0.41 6.22 0.96
CA SER A 17 0.93 6.33 1.60
C SER A 17 0.94 6.54 3.12
N GLY A 18 -0.18 6.35 3.82
CA GLY A 18 -0.24 6.50 5.28
C GLY A 18 -0.37 7.95 5.76
N ARG A 19 -0.91 8.85 4.93
CA ARG A 19 -1.11 10.29 5.21
C ARG A 19 -2.58 10.69 4.94
N GLY A 20 -3.14 11.54 5.81
CA GLY A 20 -4.57 11.84 5.83
C GLY A 20 -5.43 10.63 6.25
N ARG A 21 -6.75 10.70 6.01
CA ARG A 21 -7.65 9.54 6.17
C ARG A 21 -7.41 8.47 5.09
N GLN A 22 -7.62 7.20 5.43
CA GLN A 22 -7.53 6.09 4.47
C GLN A 22 -8.54 6.22 3.31
N PRO A 23 -8.24 5.66 2.12
CA PRO A 23 -9.22 5.55 1.03
C PRO A 23 -10.26 4.43 1.30
N ALA A 24 -11.40 4.49 0.60
CA ALA A 24 -12.52 3.55 0.81
C ALA A 24 -12.16 2.07 0.55
N TRP A 25 -11.26 1.78 -0.40
CA TRP A 25 -10.80 0.41 -0.69
C TRP A 25 -9.92 -0.21 0.41
N LEU A 26 -9.38 0.59 1.35
CA LEU A 26 -8.47 0.07 2.39
C LEU A 26 -9.13 -0.84 3.44
N GLY A 27 -10.47 -0.79 3.56
CA GLY A 27 -11.25 -1.63 4.49
C GLY A 27 -10.74 -1.60 5.94
N ASN A 28 -10.67 -2.78 6.57
CA ASN A 28 -10.21 -2.98 7.96
C ASN A 28 -9.11 -4.05 8.10
N ASP A 29 -8.53 -4.54 6.99
CA ASP A 29 -7.43 -5.52 6.96
C ASP A 29 -6.53 -5.27 5.73
N PRO A 30 -5.61 -4.27 5.78
CA PRO A 30 -4.85 -3.80 4.62
C PRO A 30 -3.89 -4.78 3.93
N ALA A 31 -3.64 -5.96 4.50
CA ALA A 31 -2.64 -6.91 4.01
C ALA A 31 -2.84 -7.38 2.55
N ALA A 32 -4.08 -7.32 2.03
CA ALA A 32 -4.41 -7.64 0.63
C ALA A 32 -3.72 -6.72 -0.41
N PHE A 33 -3.38 -5.48 -0.03
CA PHE A 33 -2.82 -4.45 -0.94
C PHE A 33 -1.63 -3.65 -0.36
N LEU A 34 -1.12 -4.00 0.83
CA LEU A 34 0.14 -3.47 1.37
C LEU A 34 1.31 -3.78 0.41
N ILE A 35 2.03 -2.76 -0.04
CA ILE A 35 3.21 -2.89 -0.91
C ILE A 35 4.34 -3.56 -0.12
N GLN A 36 4.90 -4.62 -0.69
CA GLN A 36 5.91 -5.50 -0.07
C GLN A 36 6.90 -6.04 -1.13
N PRO A 37 8.17 -6.30 -0.77
CA PRO A 37 9.18 -6.72 -1.73
C PRO A 37 8.98 -8.17 -2.22
N ASP A 38 9.20 -8.40 -3.52
CA ASP A 38 9.06 -9.70 -4.18
C ASP A 38 10.07 -10.77 -3.72
N LEU A 39 11.17 -10.34 -3.10
CA LEU A 39 12.30 -11.14 -2.63
C LEU A 39 12.80 -10.66 -1.25
N PRO A 40 13.54 -11.49 -0.48
CA PRO A 40 14.14 -11.12 0.81
C PRO A 40 15.37 -10.21 0.64
N ALA A 41 15.10 -8.96 0.25
CA ALA A 41 16.08 -7.89 0.04
C ALA A 41 16.98 -7.71 1.28
N ILE A 42 18.28 -7.98 1.12
CA ILE A 42 19.31 -8.09 2.18
C ILE A 42 18.81 -8.70 3.52
N LEU A 43 18.14 -9.83 3.37
CA LEU A 43 17.59 -10.69 4.44
C LEU A 43 17.85 -12.20 4.18
N GLU A 44 18.66 -12.53 3.16
CA GLU A 44 19.06 -13.90 2.78
C GLU A 44 20.51 -13.96 2.25
N MET A 1 7.03 18.87 -2.04
CA MET A 1 7.60 17.63 -1.41
C MET A 1 6.64 16.43 -1.51
N SER A 2 7.17 15.21 -1.51
CA SER A 2 6.41 13.94 -1.57
C SER A 2 7.17 12.79 -0.87
N THR A 3 6.55 11.61 -0.77
CA THR A 3 7.13 10.38 -0.20
C THR A 3 6.69 9.11 -0.97
N VAL A 4 7.36 7.98 -0.72
CA VAL A 4 7.04 6.68 -1.34
C VAL A 4 5.68 6.12 -0.90
N PRO A 5 4.97 5.36 -1.74
CA PRO A 5 3.69 4.73 -1.38
C PRO A 5 3.86 3.61 -0.35
N LYS A 6 2.74 3.27 0.30
CA LYS A 6 2.60 2.17 1.28
C LYS A 6 1.54 1.14 0.89
N TYR A 7 0.59 1.52 0.02
CA TYR A 7 -0.52 0.68 -0.40
C TYR A 7 -0.81 0.83 -1.91
N ARG A 8 -1.26 -0.24 -2.55
CA ARG A 8 -1.79 -0.25 -3.92
C ARG A 8 -2.94 -1.25 -4.07
N ASP A 9 -4.13 -0.75 -4.40
CA ASP A 9 -5.34 -1.53 -4.66
C ASP A 9 -5.16 -2.46 -5.88
N PRO A 10 -5.27 -3.80 -5.75
CA PRO A 10 -5.09 -4.72 -6.89
C PRO A 10 -6.23 -4.66 -7.91
N ALA A 11 -7.43 -4.18 -7.53
CA ALA A 11 -8.60 -4.14 -8.41
C ALA A 11 -8.55 -3.02 -9.47
N THR A 12 -7.94 -1.88 -9.15
CA THR A 12 -7.92 -0.66 -10.01
C THR A 12 -6.52 -0.03 -10.21
N GLY A 13 -5.53 -0.39 -9.38
CA GLY A 13 -4.16 0.13 -9.43
C GLY A 13 -3.93 1.42 -8.65
N LYS A 14 -4.96 1.98 -7.99
CA LYS A 14 -4.89 3.18 -7.12
C LYS A 14 -3.93 2.98 -5.93
N THR A 15 -3.30 4.06 -5.46
CA THR A 15 -2.25 4.03 -4.43
C THR A 15 -2.54 4.96 -3.24
N TRP A 16 -1.88 4.67 -2.10
CA TRP A 16 -1.89 5.52 -0.90
C TRP A 16 -0.57 5.38 -0.10
N SER A 17 -0.29 6.32 0.80
CA SER A 17 1.03 6.45 1.46
C SER A 17 1.02 6.70 2.98
N GLY A 18 -0.08 6.38 3.68
CA GLY A 18 -0.13 6.46 5.14
C GLY A 18 -0.38 7.86 5.71
N ARG A 19 -0.93 8.79 4.91
CA ARG A 19 -1.17 10.21 5.27
C ARG A 19 -2.58 10.65 4.87
N GLY A 20 -3.18 11.53 5.68
CA GLY A 20 -4.61 11.90 5.55
C GLY A 20 -5.55 10.72 5.86
N ARG A 21 -6.84 10.86 5.52
CA ARG A 21 -7.81 9.76 5.60
C ARG A 21 -7.48 8.66 4.58
N GLN A 22 -7.54 7.39 5.01
CA GLN A 22 -7.38 6.23 4.13
C GLN A 22 -8.47 6.17 3.02
N PRO A 23 -8.16 5.63 1.82
CA PRO A 23 -9.16 5.44 0.75
C PRO A 23 -10.13 4.28 1.06
N ALA A 24 -11.31 4.33 0.44
CA ALA A 24 -12.45 3.44 0.77
C ALA A 24 -12.15 1.93 0.62
N TRP A 25 -11.32 1.53 -0.35
CA TRP A 25 -10.95 0.12 -0.56
C TRP A 25 -10.14 -0.48 0.60
N LEU A 26 -9.37 0.34 1.31
CA LEU A 26 -8.41 -0.10 2.33
C LEU A 26 -9.09 -0.68 3.60
N GLY A 27 -10.30 -0.20 3.93
CA GLY A 27 -11.03 -0.44 5.18
C GLY A 27 -11.66 -1.83 5.33
N ASN A 28 -10.91 -2.90 5.05
CA ASN A 28 -11.34 -4.30 5.21
C ASN A 28 -10.20 -5.22 5.70
N ASP A 29 -9.06 -5.25 4.99
CA ASP A 29 -7.91 -6.11 5.31
C ASP A 29 -6.60 -5.55 4.68
N PRO A 30 -5.84 -4.68 5.39
CA PRO A 30 -4.60 -4.06 4.90
C PRO A 30 -3.65 -4.96 4.11
N ALA A 31 -3.48 -6.22 4.52
CA ALA A 31 -2.60 -7.18 3.85
C ALA A 31 -2.98 -7.50 2.38
N ALA A 32 -4.22 -7.24 1.97
CA ALA A 32 -4.67 -7.40 0.57
C ALA A 32 -4.04 -6.38 -0.40
N PHE A 33 -3.53 -5.24 0.10
CA PHE A 33 -3.06 -4.11 -0.72
C PHE A 33 -1.81 -3.39 -0.17
N LEU A 34 -1.32 -3.73 1.02
CA LEU A 34 -0.02 -3.27 1.54
C LEU A 34 1.13 -3.64 0.58
N ILE A 35 1.97 -2.65 0.25
CA ILE A 35 3.22 -2.86 -0.48
C ILE A 35 4.28 -3.40 0.50
N GLN A 36 5.01 -4.43 0.06
CA GLN A 36 6.10 -5.07 0.81
C GLN A 36 7.28 -5.45 -0.12
N PRO A 37 8.52 -5.50 0.39
CA PRO A 37 9.69 -5.83 -0.42
C PRO A 37 9.69 -7.30 -0.88
N ASP A 38 10.39 -7.56 -1.99
CA ASP A 38 10.54 -8.89 -2.62
C ASP A 38 11.19 -9.96 -1.72
N LEU A 39 11.97 -9.53 -0.72
CA LEU A 39 12.62 -10.33 0.30
C LEU A 39 12.49 -9.66 1.69
N PRO A 40 12.46 -10.45 2.80
CA PRO A 40 12.23 -9.91 4.14
C PRO A 40 13.40 -9.05 4.64
N ALA A 41 13.08 -8.00 5.40
CA ALA A 41 14.06 -7.14 6.07
C ALA A 41 14.84 -7.88 7.18
N ILE A 42 16.07 -7.42 7.47
CA ILE A 42 17.02 -7.93 8.48
C ILE A 42 16.96 -9.45 8.71
N LEU A 43 17.13 -10.19 7.60
CA LEU A 43 17.08 -11.66 7.56
C LEU A 43 18.29 -12.31 8.28
N GLU A 44 19.46 -11.69 8.21
CA GLU A 44 20.73 -12.13 8.82
C GLU A 44 21.73 -10.99 9.09
#